data_8ZEF
#
_entry.id   8ZEF
#
_cell.length_a   68.855
_cell.length_b   128.045
_cell.length_c   302.999
_cell.angle_alpha   90.000
_cell.angle_beta   90.000
_cell.angle_gamma   90.000
#
_symmetry.space_group_name_H-M   'C 2 2 21'
#
loop_
_entity.id
_entity.type
_entity.pdbx_description
1 polymer "3'-5' exonuclease DinG"
2 polymer "DNA (5'-D(P*TP*TP*TP*T)-3')"
3 polymer "DNA (5'-D(*TP*TP*TP*TP*TP*TP*T)-3')"
4 non-polymer 'CALCIUM ION'
#
loop_
_entity_poly.entity_id
_entity_poly.type
_entity_poly.pdbx_seq_one_letter_code
_entity_poly.pdbx_strand_id
1 'polypeptide(L)'
;MGMATYAVVDLETTGNQLDFDDIIQIGITFVRNNQIIDTYHSMIRTNLEIPPFIQALTSIEENMLQQAPYFNQVAQEIYD
KIKDCIFVAHNVDFDLNFIKKAFKDCNIQYRPKKVIDTLEIFKIAFPTDKSYQLSELAEAHGITLANAHRADEDAATTAK
LMILAFEKFEKLPLDTLKQLYYLSKQLKYDLYDIFFEMVRQYDAKPLDKFYEKFEQIIYRKQVDFKKPTTNYNGSLKSLY
RKAVDQLGLTYRPQQLYLAETILDQLMHSEKAMIEASLGSGKSLAYLLAALMYNIETGKHVMISTNTKLLQSQLLEKDIP
AMNEALNFKINALLIKSKSDYISLGLISQILKDDTSNYEVNILKMQLLIWITETPSGDIQELNLKGGQKMYFDQKIETYV
PARHDVHYYNFIKRNAQNIQIGITNHAHLIHSDVENSIYQLFDDCIVDEAHRLPDYALNQVTNELSYADIKYQLGLIGKN
ENEKLLKAIDQLEKQRILEKLDIAPIDIFGLKASMNEIHELNEQLFSTIFTIINDSDVYDDDIHRFHNVFTFETKDILKD
LHAIIDKLNKTLEIFNGISHKTVKSLRKQLLYLKDKFKNIEQSLKAGHTSFISIKNLSQKSTIRLYVKDYAVKDVLTKQV
LEKFKSLIFISGTLKFNHSFEAFKQLFNKDVHFNTFEVNTSLQSAKNTSVFIPSDVASYQYKNIDEYVASIVSYIIEYTT
ITSSKCLVLFTSYKMMHMVQDMLNELPEFEDYVVLTQQQNQNYKIVQQFNNFDKAILLGTSTFFEGFDFQANGIKCVMIA
KLPFMNKHNAKYWLMDSEFTSTFKEYVLPDAVTRFRQGLGRLIRNENDRGIIVSFDDRLINSNYKNFFEQTLENYRQKKG
DIQQFGKLLRQIQKKKK
;
A
2 'polydeoxyribonucleotide' (DT)(DT)(DT)(DT) B
3 'polydeoxyribonucleotide' (DT)(DT)(DT)(DT)(DT)(DT)(DT) C
#
# COMPACT_ATOMS: atom_id res chain seq x y z
N MET A 1 -21.81 -32.60 28.25
CA MET A 1 -22.11 -31.24 28.66
C MET A 1 -22.97 -30.52 27.64
N GLY A 2 -23.90 -29.70 28.13
CA GLY A 2 -24.68 -28.84 27.24
C GLY A 2 -23.75 -27.96 26.44
N MET A 3 -23.95 -27.92 25.12
CA MET A 3 -23.10 -27.12 24.25
C MET A 3 -23.12 -25.66 24.70
N ALA A 4 -21.94 -25.06 24.75
CA ALA A 4 -21.80 -23.74 25.36
C ALA A 4 -22.52 -22.67 24.52
N THR A 5 -22.94 -21.60 25.20
CA THR A 5 -23.64 -20.51 24.57
C THR A 5 -22.75 -19.27 24.55
N TYR A 6 -22.87 -18.49 23.47
CA TYR A 6 -22.00 -17.33 23.24
C TYR A 6 -22.83 -16.06 23.27
N ALA A 7 -22.43 -15.11 24.11
CA ALA A 7 -23.05 -13.79 24.17
C ALA A 7 -22.15 -12.81 23.43
N VAL A 8 -22.57 -12.41 22.23
CA VAL A 8 -21.81 -11.44 21.44
C VAL A 8 -22.36 -10.06 21.77
N VAL A 9 -21.57 -9.26 22.48
CA VAL A 9 -22.04 -8.07 23.17
C VAL A 9 -21.42 -6.83 22.55
N ASP A 10 -22.24 -5.80 22.35
CA ASP A 10 -21.80 -4.53 21.82
C ASP A 10 -22.33 -3.41 22.70
N LEU A 11 -21.47 -2.43 22.97
CA LEU A 11 -21.82 -1.27 23.78
C LEU A 11 -21.45 0.00 23.03
N GLU A 12 -22.43 0.84 22.75
CA GLU A 12 -22.19 2.22 22.36
C GLU A 12 -22.09 3.06 23.64
N THR A 13 -21.06 3.90 23.73
CA THR A 13 -20.79 4.64 24.95
C THR A 13 -20.52 6.10 24.65
N THR A 14 -20.40 6.89 25.72
CA THR A 14 -20.12 8.32 25.65
C THR A 14 -18.65 8.63 25.42
N GLY A 15 -17.77 7.67 25.70
CA GLY A 15 -16.34 7.92 25.57
C GLY A 15 -15.51 6.66 25.70
N ASN A 16 -14.21 6.81 25.99
CA ASN A 16 -13.30 5.64 26.08
C ASN A 16 -12.78 5.50 27.51
N GLN A 17 -13.07 6.46 28.38
CA GLN A 17 -12.52 6.43 29.76
C GLN A 17 -13.37 5.47 30.61
N LEU A 18 -12.77 4.40 31.13
CA LEU A 18 -13.55 3.41 31.86
C LEU A 18 -14.18 4.01 33.11
N ASP A 19 -13.53 4.99 33.74
CA ASP A 19 -14.05 5.57 34.96
C ASP A 19 -14.88 6.82 34.74
N PHE A 20 -14.98 7.31 33.51
CA PHE A 20 -15.63 8.58 33.24
C PHE A 20 -16.74 8.50 32.18
N ASP A 21 -17.29 7.33 31.91
CA ASP A 21 -18.25 7.23 30.82
C ASP A 21 -19.25 6.11 31.08
N ASP A 22 -20.40 6.21 30.40
CA ASP A 22 -21.52 5.30 30.58
C ASP A 22 -21.87 4.60 29.29
N ILE A 23 -22.40 3.37 29.42
CA ILE A 23 -23.06 2.71 28.31
C ILE A 23 -24.30 3.52 27.93
N ILE A 24 -24.48 3.74 26.63
CA ILE A 24 -25.70 4.38 26.13
C ILE A 24 -26.49 3.48 25.21
N GLN A 25 -25.98 2.29 24.91
CA GLN A 25 -26.73 1.27 24.18
C GLN A 25 -26.01 -0.07 24.24
N ILE A 26 -26.73 -1.13 24.60
CA ILE A 26 -26.18 -2.48 24.66
C ILE A 26 -26.98 -3.36 23.71
N GLY A 27 -26.28 -3.97 22.77
CA GLY A 27 -26.88 -4.96 21.88
C GLY A 27 -26.18 -6.29 22.05
N ILE A 28 -26.97 -7.36 22.19
CA ILE A 28 -26.43 -8.70 22.37
C ILE A 28 -27.05 -9.63 21.34
N THR A 29 -26.20 -10.45 20.72
CA THR A 29 -26.64 -11.59 19.92
C THR A 29 -26.08 -12.86 20.54
N PHE A 30 -26.93 -13.88 20.69
CA PHE A 30 -26.54 -15.14 21.29
C PHE A 30 -26.38 -16.19 20.20
N VAL A 31 -25.45 -17.12 20.41
CA VAL A 31 -25.07 -18.09 19.39
C VAL A 31 -24.85 -19.46 20.04
N ARG A 32 -25.35 -20.50 19.37
CA ARG A 32 -25.11 -21.87 19.78
C ARG A 32 -25.22 -22.75 18.55
N ASN A 33 -24.27 -23.68 18.39
CA ASN A 33 -24.18 -24.54 17.21
C ASN A 33 -24.18 -23.72 15.93
N ASN A 34 -23.34 -22.67 15.92
CA ASN A 34 -23.17 -21.80 14.75
C ASN A 34 -24.48 -21.18 14.29
N GLN A 35 -25.38 -20.89 15.23
CA GLN A 35 -26.71 -20.38 14.90
C GLN A 35 -27.17 -19.42 15.97
N ILE A 36 -27.83 -18.35 15.54
CA ILE A 36 -28.37 -17.33 16.45
C ILE A 36 -29.65 -17.85 17.08
N ILE A 37 -29.73 -17.77 18.41
CA ILE A 37 -30.89 -18.24 19.14
C ILE A 37 -31.67 -17.11 19.79
N ASP A 38 -30.99 -16.05 20.23
CA ASP A 38 -31.67 -14.95 20.91
C ASP A 38 -30.89 -13.67 20.67
N THR A 39 -31.59 -12.53 20.78
CA THR A 39 -30.93 -11.21 20.63
C THR A 39 -31.44 -10.29 21.74
N TYR A 40 -30.57 -9.41 22.26
CA TYR A 40 -31.00 -8.45 23.30
C TYR A 40 -30.56 -7.04 22.88
N HIS A 41 -31.46 -6.07 23.00
CA HIS A 41 -31.14 -4.66 22.63
C HIS A 41 -31.95 -3.72 23.51
N SER A 42 -31.26 -2.82 24.21
CA SER A 42 -31.97 -1.82 25.06
C SER A 42 -31.13 -0.56 25.15
N MET A 43 -31.62 0.56 24.61
CA MET A 43 -30.89 1.84 24.77
C MET A 43 -30.71 2.08 26.27
N ILE A 44 -29.59 2.64 26.67
CA ILE A 44 -29.33 2.85 28.13
C ILE A 44 -29.29 4.37 28.38
N ARG A 45 -29.97 4.85 29.41
CA ARG A 45 -30.03 6.32 29.60
C ARG A 45 -28.86 6.78 30.48
N THR A 46 -28.23 7.89 30.12
CA THR A 46 -27.06 8.45 30.84
C THR A 46 -27.33 9.93 31.14
N ASN A 47 -27.23 10.33 32.41
CA ASN A 47 -27.50 11.74 32.80
C ASN A 47 -26.30 12.58 32.37
N LEU A 48 -25.39 12.01 31.58
CA LEU A 48 -24.21 12.75 31.14
C LEU A 48 -24.49 13.49 29.85
N GLU A 49 -23.64 14.47 29.56
CA GLU A 49 -23.71 15.17 28.28
C GLU A 49 -23.02 14.32 27.22
N ILE A 50 -23.80 13.83 26.27
CA ILE A 50 -23.30 13.07 25.13
C ILE A 50 -22.65 14.04 24.15
N PRO A 51 -21.33 14.10 24.09
CA PRO A 51 -20.68 15.09 23.22
C PRO A 51 -21.09 14.89 21.78
N PRO A 52 -21.06 15.95 20.96
CA PRO A 52 -21.54 15.83 19.58
C PRO A 52 -20.82 14.77 18.77
N PHE A 53 -19.58 14.45 19.14
CA PHE A 53 -18.79 13.49 18.37
C PHE A 53 -19.40 12.09 18.44
N ILE A 54 -19.85 11.68 19.62
CA ILE A 54 -20.50 10.37 19.75
C ILE A 54 -21.85 10.35 19.04
N GLN A 55 -22.48 11.50 18.86
CA GLN A 55 -23.79 11.55 18.22
C GLN A 55 -23.68 11.35 16.72
N ALA A 56 -22.78 12.07 16.05
CA ALA A 56 -22.55 11.82 14.64
C ALA A 56 -22.06 10.39 14.40
N LEU A 57 -21.34 9.83 15.37
CA LEU A 57 -20.86 8.47 15.26
C LEU A 57 -21.99 7.46 15.48
N THR A 58 -22.62 7.52 16.66
CA THR A 58 -23.54 6.47 17.07
C THR A 58 -24.95 6.64 16.50
N SER A 59 -25.22 7.72 15.76
CA SER A 59 -26.57 8.09 15.35
C SER A 59 -27.51 8.28 16.53
N ILE A 60 -26.96 8.41 17.74
CA ILE A 60 -27.73 8.46 18.99
C ILE A 60 -27.74 9.89 19.50
N GLU A 61 -28.92 10.41 19.78
CA GLU A 61 -29.07 11.75 20.35
C GLU A 61 -29.67 11.66 21.74
N GLU A 62 -29.59 12.77 22.47
CA GLU A 62 -29.96 12.77 23.88
C GLU A 62 -31.46 12.70 24.08
N ASN A 63 -32.26 13.27 23.17
CA ASN A 63 -33.70 13.24 23.35
C ASN A 63 -34.26 11.82 23.21
N MET A 64 -33.56 10.96 22.47
CA MET A 64 -34.00 9.56 22.36
C MET A 64 -33.93 8.86 23.70
N LEU A 65 -32.98 9.24 24.56
CA LEU A 65 -32.63 8.43 25.71
C LEU A 65 -33.60 8.58 26.87
N GLN A 66 -34.32 9.69 26.96
CA GLN A 66 -35.10 10.01 28.14
C GLN A 66 -36.24 9.03 28.39
N GLN A 67 -36.47 8.10 27.47
CA GLN A 67 -37.43 7.03 27.66
C GLN A 67 -36.78 5.67 27.87
N ALA A 68 -35.47 5.54 27.65
CA ALA A 68 -34.78 4.29 27.91
C ALA A 68 -34.43 4.17 29.39
N PRO A 69 -34.41 2.95 29.92
CA PRO A 69 -34.03 2.75 31.33
C PRO A 69 -32.58 3.17 31.60
N TYR A 70 -32.29 3.35 32.88
CA TYR A 70 -30.90 3.38 33.32
C TYR A 70 -30.36 1.96 33.38
N PHE A 71 -29.05 1.83 33.58
CA PHE A 71 -28.43 0.51 33.48
C PHE A 71 -28.80 -0.38 34.66
N ASN A 72 -29.01 0.18 35.84
CA ASN A 72 -29.28 -0.63 37.02
C ASN A 72 -30.64 -1.30 36.96
N GLN A 73 -31.56 -0.81 36.12
CA GLN A 73 -32.84 -1.48 35.99
C GLN A 73 -32.69 -2.84 35.30
N VAL A 74 -32.11 -2.86 34.11
CA VAL A 74 -32.00 -4.06 33.28
C VAL A 74 -30.82 -4.90 33.75
N ALA A 75 -30.11 -4.43 34.77
CA ALA A 75 -28.84 -5.03 35.16
C ALA A 75 -29.01 -6.48 35.59
N GLN A 76 -30.03 -6.77 36.38
CA GLN A 76 -30.25 -8.17 36.79
C GLN A 76 -30.74 -8.99 35.61
N GLU A 77 -31.56 -8.39 34.76
CA GLU A 77 -31.99 -9.04 33.52
C GLU A 77 -30.79 -9.45 32.68
N ILE A 78 -29.89 -8.50 32.41
CA ILE A 78 -28.75 -8.77 31.53
C ILE A 78 -27.87 -9.85 32.13
N TYR A 79 -27.50 -9.71 33.41
CA TYR A 79 -26.66 -10.71 34.07
C TYR A 79 -27.26 -12.09 33.94
N ASP A 80 -28.54 -12.23 34.29
CA ASP A 80 -29.23 -13.51 34.18
C ASP A 80 -29.30 -14.03 32.74
N LYS A 81 -29.03 -13.19 31.74
CA LYS A 81 -28.98 -13.65 30.36
C LYS A 81 -27.58 -14.00 29.91
N ILE A 82 -26.55 -13.41 30.55
CA ILE A 82 -25.16 -13.59 30.14
C ILE A 82 -24.32 -14.27 31.21
N LYS A 83 -24.88 -14.55 32.39
CA LYS A 83 -24.04 -15.03 33.50
C LYS A 83 -23.34 -16.34 33.15
N ASP A 84 -24.01 -17.23 32.43
CA ASP A 84 -23.48 -18.56 32.15
C ASP A 84 -23.15 -18.76 30.68
N CYS A 85 -22.92 -17.70 29.94
CA CYS A 85 -22.53 -17.79 28.54
C CYS A 85 -21.01 -17.56 28.43
N ILE A 86 -20.51 -17.54 27.20
CA ILE A 86 -19.12 -17.15 26.92
C ILE A 86 -19.16 -15.71 26.41
N PHE A 87 -18.30 -14.85 26.95
CA PHE A 87 -18.33 -13.46 26.55
C PHE A 87 -17.54 -13.27 25.27
N VAL A 88 -18.14 -12.56 24.31
CA VAL A 88 -17.59 -12.40 22.97
C VAL A 88 -17.82 -10.95 22.54
N ALA A 89 -16.80 -10.34 21.97
CA ALA A 89 -16.94 -8.95 21.47
C ALA A 89 -15.66 -8.50 20.76
N HIS A 90 -15.78 -7.58 19.81
CA HIS A 90 -14.58 -7.02 19.13
C HIS A 90 -13.81 -6.19 20.16
N ASN A 91 -12.49 -6.37 20.21
CA ASN A 91 -11.69 -5.68 21.26
C ASN A 91 -12.39 -5.92 22.59
N VAL A 92 -12.52 -7.19 22.98
CA VAL A 92 -13.25 -7.53 24.22
C VAL A 92 -12.72 -6.67 25.37
N ASP A 93 -11.41 -6.44 25.40
CA ASP A 93 -10.84 -5.55 26.44
C ASP A 93 -11.77 -4.37 26.66
N PHE A 94 -11.97 -3.53 25.64
CA PHE A 94 -12.78 -2.33 25.85
C PHE A 94 -14.20 -2.70 26.29
N ASP A 95 -14.82 -3.65 25.59
CA ASP A 95 -16.20 -4.02 25.89
C ASP A 95 -16.34 -4.61 27.29
N LEU A 96 -15.62 -5.69 27.57
CA LEU A 96 -15.85 -6.42 28.82
C LEU A 96 -15.61 -5.54 30.04
N ASN A 97 -14.57 -4.70 30.00
CA ASN A 97 -14.26 -3.86 31.16
C ASN A 97 -15.41 -2.90 31.47
N PHE A 98 -15.99 -2.29 30.43
CA PHE A 98 -17.08 -1.34 30.67
C PHE A 98 -18.27 -2.02 31.33
N ILE A 99 -18.78 -3.09 30.71
CA ILE A 99 -19.89 -3.83 31.30
C ILE A 99 -19.50 -4.47 32.62
N LYS A 100 -18.19 -4.65 32.87
CA LYS A 100 -17.77 -5.17 34.17
C LYS A 100 -17.89 -4.12 35.26
N LYS A 101 -17.60 -2.86 34.94
CA LYS A 101 -17.72 -1.79 35.92
C LYS A 101 -19.18 -1.41 36.13
N ALA A 102 -19.96 -1.33 35.06
CA ALA A 102 -21.37 -0.99 35.19
C ALA A 102 -22.13 -2.02 36.02
N PHE A 103 -21.74 -3.30 35.91
CA PHE A 103 -22.28 -4.31 36.80
C PHE A 103 -21.80 -4.13 38.23
N LYS A 104 -20.58 -3.60 38.41
CA LYS A 104 -20.04 -3.42 39.74
C LYS A 104 -20.78 -2.34 40.51
N ASP A 105 -21.28 -1.31 39.82
CA ASP A 105 -21.98 -0.21 40.46
C ASP A 105 -23.44 -0.54 40.76
N CYS A 106 -23.87 -1.75 40.48
CA CYS A 106 -25.18 -2.25 40.87
C CYS A 106 -25.06 -3.47 41.77
N ASN A 107 -23.97 -3.54 42.53
CA ASN A 107 -23.67 -4.66 43.44
C ASN A 107 -23.81 -6.00 42.74
N ILE A 108 -23.22 -6.08 41.55
CA ILE A 108 -23.22 -7.30 40.77
C ILE A 108 -21.77 -7.64 40.43
N GLN A 109 -21.35 -8.84 40.78
CA GLN A 109 -20.00 -9.32 40.49
C GLN A 109 -20.07 -10.18 39.24
N TYR A 110 -19.73 -9.60 38.09
CA TYR A 110 -19.62 -10.36 36.85
C TYR A 110 -18.19 -10.86 36.73
N ARG A 111 -18.02 -12.17 36.91
CA ARG A 111 -16.75 -12.85 36.65
C ARG A 111 -17.06 -13.97 35.66
N PRO A 112 -16.92 -13.70 34.37
CA PRO A 112 -17.38 -14.66 33.37
C PRO A 112 -16.45 -15.85 33.24
N LYS A 113 -17.04 -17.01 32.94
CA LYS A 113 -16.25 -18.23 32.89
C LYS A 113 -15.24 -18.19 31.74
N LYS A 114 -15.63 -17.70 30.57
CA LYS A 114 -14.76 -17.77 29.40
C LYS A 114 -14.95 -16.53 28.53
N VAL A 115 -13.84 -16.00 28.02
CA VAL A 115 -13.82 -14.75 27.26
C VAL A 115 -13.33 -15.05 25.85
N ILE A 116 -13.92 -14.36 24.86
CA ILE A 116 -13.54 -14.51 23.47
C ILE A 116 -13.47 -13.13 22.82
N ASP A 117 -12.46 -12.91 21.98
CA ASP A 117 -12.25 -11.67 21.25
C ASP A 117 -12.29 -11.97 19.75
N THR A 118 -13.27 -11.41 19.04
CA THR A 118 -13.40 -11.68 17.62
C THR A 118 -12.29 -11.04 16.80
N LEU A 119 -11.70 -9.95 17.31
CA LEU A 119 -10.58 -9.33 16.62
C LEU A 119 -9.46 -10.33 16.40
N GLU A 120 -9.23 -11.21 17.36
CA GLU A 120 -8.25 -12.28 17.16
C GLU A 120 -8.76 -13.31 16.17
N ILE A 121 -10.00 -13.78 16.33
CA ILE A 121 -10.53 -14.81 15.44
C ILE A 121 -10.57 -14.31 14.00
N PHE A 122 -10.92 -13.04 13.80
CA PHE A 122 -11.00 -12.50 12.45
C PHE A 122 -9.63 -12.35 11.80
N LYS A 123 -8.64 -11.86 12.58
CA LYS A 123 -7.29 -11.76 12.07
C LYS A 123 -6.78 -13.12 11.58
N ILE A 124 -7.07 -14.18 12.32
CA ILE A 124 -6.63 -15.52 11.91
C ILE A 124 -7.45 -16.02 10.73
N ALA A 125 -8.78 -15.94 10.81
CA ALA A 125 -9.62 -16.63 9.84
C ALA A 125 -9.61 -15.93 8.49
N PHE A 126 -9.52 -14.59 8.50
CA PHE A 126 -9.54 -13.78 7.28
C PHE A 126 -8.23 -13.01 7.17
N PRO A 127 -7.11 -13.72 7.00
CA PRO A 127 -5.80 -13.08 7.07
C PRO A 127 -5.46 -12.21 5.87
N THR A 128 -6.21 -12.31 4.77
CA THR A 128 -5.94 -11.53 3.57
C THR A 128 -6.79 -10.27 3.48
N ASP A 129 -7.63 -10.00 4.48
CA ASP A 129 -8.49 -8.84 4.46
C ASP A 129 -7.71 -7.57 4.77
N LYS A 130 -8.09 -6.49 4.10
CA LYS A 130 -7.34 -5.24 4.17
C LYS A 130 -7.57 -4.49 5.47
N SER A 131 -8.71 -4.71 6.10
CA SER A 131 -8.97 -4.11 7.41
C SER A 131 -9.90 -5.02 8.18
N TYR A 132 -9.70 -5.05 9.49
CA TYR A 132 -10.58 -5.80 10.40
C TYR A 132 -11.50 -4.86 11.17
N GLN A 133 -11.88 -3.76 10.54
CA GLN A 133 -12.92 -2.89 11.09
C GLN A 133 -14.28 -3.54 10.84
N LEU A 134 -15.06 -3.75 11.91
CA LEU A 134 -16.30 -4.52 11.82
C LEU A 134 -17.18 -4.07 10.66
N SER A 135 -17.18 -2.78 10.35
CA SER A 135 -17.99 -2.27 9.24
C SER A 135 -17.48 -2.82 7.91
N GLU A 136 -16.23 -2.50 7.55
CA GLU A 136 -15.69 -2.92 6.26
C GLU A 136 -15.54 -4.43 6.18
N LEU A 137 -15.28 -5.09 7.32
CA LEU A 137 -15.16 -6.54 7.31
C LEU A 137 -16.49 -7.19 6.91
N ALA A 138 -17.59 -6.72 7.49
CA ALA A 138 -18.92 -7.18 7.08
C ALA A 138 -19.17 -6.94 5.61
N GLU A 139 -18.59 -5.88 5.04
CA GLU A 139 -18.81 -5.59 3.62
C GLU A 139 -18.03 -6.54 2.72
N ALA A 140 -16.82 -6.90 3.13
CA ALA A 140 -16.01 -7.82 2.33
C ALA A 140 -16.52 -9.25 2.35
N HIS A 141 -17.59 -9.54 3.08
CA HIS A 141 -18.07 -10.91 3.26
C HIS A 141 -19.57 -11.01 3.05
N GLY A 142 -20.10 -10.27 2.07
CA GLY A 142 -21.50 -10.32 1.72
C GLY A 142 -22.47 -10.23 2.87
N ILE A 143 -22.08 -9.46 3.91
CA ILE A 143 -22.97 -9.26 5.09
C ILE A 143 -23.61 -7.87 4.96
N THR A 144 -24.94 -7.80 4.98
CA THR A 144 -25.63 -6.50 4.79
C THR A 144 -25.75 -5.77 6.13
N LEU A 145 -25.17 -4.57 6.23
CA LEU A 145 -25.32 -3.75 7.47
C LEU A 145 -26.48 -2.78 7.25
N ALA A 146 -27.68 -3.14 7.71
CA ALA A 146 -28.86 -2.29 7.47
C ALA A 146 -28.53 -0.86 7.91
N ASN A 147 -27.96 -0.69 9.09
CA ASN A 147 -27.51 0.65 9.56
C ASN A 147 -26.15 0.49 10.23
N ALA A 148 -25.32 1.53 10.20
CA ALA A 148 -23.94 1.40 10.75
C ALA A 148 -23.86 1.96 12.17
N HIS A 149 -23.04 1.34 13.02
CA HIS A 149 -22.80 1.85 14.41
C HIS A 149 -24.01 1.61 15.33
N ARG A 150 -24.97 0.80 14.90
CA ARG A 150 -26.10 0.43 15.80
C ARG A 150 -25.67 -0.84 16.52
N ALA A 151 -25.93 -0.97 17.83
CA ALA A 151 -25.38 -2.12 18.54
C ALA A 151 -26.17 -3.39 18.24
N ASP A 152 -27.51 -3.28 18.06
CA ASP A 152 -28.29 -4.47 17.76
C ASP A 152 -27.92 -5.08 16.41
N GLU A 153 -27.27 -4.31 15.54
CA GLU A 153 -26.74 -4.81 14.27
C GLU A 153 -25.24 -5.08 14.33
N ASP A 154 -24.48 -4.26 15.05
CA ASP A 154 -23.08 -4.57 15.28
C ASP A 154 -22.91 -5.85 16.07
N ALA A 155 -23.93 -6.21 16.87
CA ALA A 155 -23.90 -7.48 17.60
C ALA A 155 -24.27 -8.66 16.71
N ALA A 156 -25.17 -8.45 15.75
CA ALA A 156 -25.50 -9.50 14.80
C ALA A 156 -24.35 -9.73 13.82
N THR A 157 -23.86 -8.65 13.20
CA THR A 157 -22.72 -8.74 12.29
C THR A 157 -21.55 -9.45 12.95
N THR A 158 -21.18 -9.03 14.17
CA THR A 158 -20.06 -9.65 14.85
C THR A 158 -20.34 -11.11 15.17
N ALA A 159 -21.61 -11.46 15.35
CA ALA A 159 -21.98 -12.86 15.58
C ALA A 159 -22.04 -13.65 14.28
N LYS A 160 -22.55 -13.05 13.21
CA LYS A 160 -22.57 -13.74 11.91
C LYS A 160 -21.15 -14.01 11.43
N LEU A 161 -20.33 -12.97 11.34
CA LEU A 161 -18.93 -13.09 10.94
C LEU A 161 -18.21 -14.13 11.78
N MET A 162 -18.60 -14.28 13.04
CA MET A 162 -18.06 -15.37 13.85
C MET A 162 -18.43 -16.72 13.26
N ILE A 163 -19.70 -16.89 12.89
CA ILE A 163 -20.19 -18.19 12.44
C ILE A 163 -19.52 -18.61 11.15
N LEU A 164 -19.16 -17.66 10.29
CA LEU A 164 -18.33 -17.98 9.13
C LEU A 164 -17.00 -18.58 9.57
N ALA A 165 -16.25 -17.85 10.41
CA ALA A 165 -14.95 -18.31 10.86
C ALA A 165 -15.01 -19.66 11.55
N PHE A 166 -16.00 -19.85 12.42
CA PHE A 166 -16.20 -21.14 13.07
C PHE A 166 -16.43 -22.25 12.04
N GLU A 167 -17.16 -21.97 10.97
CA GLU A 167 -17.36 -22.96 9.93
C GLU A 167 -16.12 -23.10 9.05
N LYS A 168 -15.37 -22.00 8.86
CA LYS A 168 -14.10 -22.07 8.15
C LYS A 168 -13.07 -22.86 8.94
N PHE A 169 -13.16 -22.84 10.27
CA PHE A 169 -12.32 -23.69 11.13
C PHE A 169 -12.86 -25.11 11.10
N GLU A 170 -12.77 -25.74 9.92
CA GLU A 170 -13.24 -27.10 9.75
C GLU A 170 -12.48 -27.76 8.61
N LYS A 171 -11.19 -28.05 8.83
CA LYS A 171 -10.35 -28.56 7.76
C LYS A 171 -9.74 -29.86 8.21
N LEU A 172 -8.50 -29.86 8.69
CA LEU A 172 -7.75 -31.06 8.96
C LEU A 172 -7.19 -31.02 10.37
N PRO A 173 -7.29 -32.11 11.15
CA PRO A 173 -6.86 -32.04 12.56
C PRO A 173 -5.37 -31.80 12.72
N LEU A 174 -4.55 -32.34 11.81
CA LEU A 174 -3.12 -32.08 11.83
C LEU A 174 -2.83 -30.60 11.75
N ASP A 175 -3.71 -29.84 11.10
CA ASP A 175 -3.63 -28.38 11.06
C ASP A 175 -4.35 -27.74 12.24
N THR A 176 -5.52 -28.27 12.60
CA THR A 176 -6.22 -27.75 13.77
C THR A 176 -5.40 -27.98 15.04
N LEU A 177 -4.73 -29.14 15.13
CA LEU A 177 -3.87 -29.40 16.29
C LEU A 177 -2.73 -28.39 16.38
N LYS A 178 -2.22 -27.96 15.23
CA LYS A 178 -1.22 -26.89 15.22
C LYS A 178 -1.77 -25.64 15.93
N GLN A 179 -3.04 -25.32 15.69
CA GLN A 179 -3.58 -24.05 16.15
C GLN A 179 -4.02 -24.11 17.61
N LEU A 180 -4.35 -25.29 18.11
CA LEU A 180 -4.54 -25.47 19.54
C LEU A 180 -3.26 -25.12 20.29
N TYR A 181 -2.15 -25.77 19.93
CA TYR A 181 -0.88 -25.50 20.61
C TYR A 181 -0.37 -24.11 20.31
N TYR A 182 -0.78 -23.53 19.19
CA TYR A 182 -0.35 -22.13 18.93
C TYR A 182 -1.29 -21.18 19.68
N LEU A 183 -2.56 -21.56 19.74
CA LEU A 183 -3.56 -20.70 20.41
C LEU A 183 -3.09 -20.46 21.84
N SER A 184 -2.56 -21.50 22.48
CA SER A 184 -2.15 -21.35 23.89
C SER A 184 -1.29 -20.08 24.01
N LYS A 185 -0.28 -19.96 23.15
CA LYS A 185 0.67 -18.81 23.28
C LYS A 185 -0.06 -17.51 22.95
N GLN A 186 -1.36 -17.58 22.66
CA GLN A 186 -2.11 -16.33 22.42
C GLN A 186 -1.97 -15.47 23.69
N LEU A 187 -1.88 -16.11 24.85
CA LEU A 187 -1.65 -15.36 26.11
C LEU A 187 -2.51 -14.10 26.11
N LYS A 188 -3.77 -14.21 25.65
CA LYS A 188 -4.67 -13.04 25.66
C LYS A 188 -6.03 -13.46 26.21
N TYR A 189 -6.69 -14.43 25.57
CA TYR A 189 -8.07 -14.79 26.01
C TYR A 189 -8.27 -16.30 25.88
N ASP A 190 -9.34 -16.82 26.48
CA ASP A 190 -9.61 -18.28 26.47
C ASP A 190 -10.25 -18.68 25.14
N LEU A 191 -9.46 -19.23 24.21
CA LEU A 191 -9.99 -19.65 22.89
C LEU A 191 -9.67 -21.12 22.69
N TYR A 192 -8.58 -21.59 23.31
CA TYR A 192 -8.14 -22.96 23.08
C TYR A 192 -9.29 -23.95 23.20
N ASP A 193 -10.13 -23.79 24.22
CA ASP A 193 -11.21 -24.74 24.48
C ASP A 193 -12.20 -24.83 23.32
N ILE A 194 -12.13 -23.87 22.40
CA ILE A 194 -12.91 -23.98 21.17
C ILE A 194 -12.29 -25.02 20.24
N PHE A 195 -11.00 -24.89 19.93
CA PHE A 195 -10.33 -25.91 19.13
C PHE A 195 -10.29 -27.24 19.85
N PHE A 196 -10.11 -27.20 21.17
CA PHE A 196 -10.09 -28.45 21.93
C PHE A 196 -11.42 -29.19 21.82
N GLU A 197 -12.50 -28.45 21.59
CA GLU A 197 -13.80 -29.04 21.35
C GLU A 197 -14.00 -29.49 19.91
N MET A 198 -13.30 -28.88 18.96
CA MET A 198 -13.40 -29.34 17.58
C MET A 198 -12.47 -30.50 17.30
N VAL A 199 -11.47 -30.73 18.17
CA VAL A 199 -10.62 -31.92 18.05
C VAL A 199 -11.37 -33.14 18.56
N ARG A 200 -12.01 -33.02 19.72
CA ARG A 200 -12.80 -34.10 20.29
C ARG A 200 -13.93 -34.50 19.34
N GLN A 201 -14.85 -33.57 19.10
CA GLN A 201 -15.96 -33.82 18.19
C GLN A 201 -15.52 -33.57 16.74
N TYR A 202 -14.54 -34.36 16.31
CA TYR A 202 -14.03 -34.27 14.95
C TYR A 202 -14.41 -35.52 14.16
N ASP A 203 -14.40 -35.37 12.84
CA ASP A 203 -14.74 -36.46 11.93
C ASP A 203 -13.60 -36.60 10.91
N ALA A 204 -12.89 -37.72 10.98
CA ALA A 204 -11.71 -37.93 10.14
C ALA A 204 -12.12 -38.26 8.70
N LYS A 205 -11.37 -37.68 7.75
CA LYS A 205 -11.55 -37.91 6.32
C LYS A 205 -10.45 -37.22 5.54
N PRO A 206 -9.77 -37.92 4.63
CA PRO A 206 -8.75 -37.26 3.81
C PRO A 206 -9.38 -36.31 2.80
N LEU A 207 -8.53 -35.48 2.22
CA LEU A 207 -8.94 -34.49 1.23
C LEU A 207 -7.81 -34.30 0.23
N ASP A 208 -8.11 -34.51 -1.05
CA ASP A 208 -7.12 -34.42 -2.12
C ASP A 208 -6.96 -33.01 -2.66
N LYS A 209 -7.95 -32.16 -2.46
CA LYS A 209 -7.86 -30.74 -2.92
C LYS A 209 -6.60 -30.13 -2.30
N PHE A 210 -6.53 -30.10 -0.97
CA PHE A 210 -5.31 -29.60 -0.30
C PHE A 210 -4.19 -30.59 -0.59
N TYR A 211 -2.96 -30.12 -0.78
CA TYR A 211 -1.88 -31.05 -1.20
C TYR A 211 -1.32 -31.79 0.02
N GLU A 212 -0.23 -32.53 -0.17
CA GLU A 212 0.36 -33.35 0.91
C GLU A 212 0.91 -32.45 2.02
N LYS A 213 1.13 -33.04 3.20
CA LYS A 213 1.72 -32.27 4.32
C LYS A 213 3.20 -32.03 4.03
N PHE A 214 3.54 -31.05 3.19
CA PHE A 214 4.98 -30.74 3.01
C PHE A 214 5.57 -30.60 4.41
N GLU A 215 6.56 -31.41 4.76
CA GLU A 215 7.05 -31.35 6.16
C GLU A 215 5.82 -31.55 7.05
N GLN A 216 5.41 -30.51 7.77
CA GLN A 216 4.18 -30.62 8.59
C GLN A 216 3.12 -29.67 8.02
N ILE A 217 3.55 -28.71 7.21
CA ILE A 217 2.59 -27.69 6.68
C ILE A 217 1.64 -28.34 5.68
N ILE A 218 0.35 -28.00 5.74
CA ILE A 218 -0.62 -28.48 4.77
C ILE A 218 -1.04 -27.29 3.93
N TYR A 219 -1.25 -27.52 2.63
CA TYR A 219 -1.50 -26.37 1.73
C TYR A 219 -2.37 -26.75 0.54
N ARG A 220 -2.58 -25.79 -0.37
CA ARG A 220 -3.45 -26.01 -1.55
C ARG A 220 -2.57 -26.18 -2.78
N LYS A 221 -2.83 -27.22 -3.56
CA LYS A 221 -1.96 -27.50 -4.73
C LYS A 221 -2.22 -26.47 -5.82
N GLN A 222 -1.32 -25.52 -6.00
CA GLN A 222 -1.53 -24.62 -7.12
C GLN A 222 -1.96 -25.40 -8.36
N VAL A 223 -2.87 -24.82 -9.11
CA VAL A 223 -3.35 -25.41 -10.36
C VAL A 223 -2.62 -24.72 -11.51
N ASP A 224 -1.91 -25.50 -12.31
CA ASP A 224 -1.12 -24.96 -13.41
C ASP A 224 -2.04 -24.52 -14.55
N PHE A 225 -1.43 -24.02 -15.61
CA PHE A 225 -2.10 -23.70 -16.86
C PHE A 225 -1.67 -24.72 -17.91
N LYS A 226 -2.45 -24.82 -18.99
CA LYS A 226 -2.18 -25.79 -20.03
C LYS A 226 -1.87 -25.08 -21.35
N LYS A 227 -1.80 -25.85 -22.43
CA LYS A 227 -1.47 -25.25 -23.74
C LYS A 227 -2.65 -24.37 -24.17
N PRO A 228 -2.39 -23.14 -24.68
CA PRO A 228 -3.47 -22.23 -25.06
C PRO A 228 -4.18 -22.68 -26.34
N THR A 229 -5.50 -22.46 -26.43
CA THR A 229 -6.25 -22.80 -27.67
C THR A 229 -6.55 -21.51 -28.43
N THR A 230 -5.73 -21.17 -29.42
CA THR A 230 -5.92 -19.89 -30.16
C THR A 230 -5.99 -20.15 -31.66
N ASN A 231 -7.19 -20.42 -32.18
CA ASN A 231 -7.36 -20.66 -33.62
C ASN A 231 -7.92 -19.38 -34.25
N TYR A 232 -7.04 -18.58 -34.84
CA TYR A 232 -7.46 -17.38 -35.56
C TYR A 232 -6.47 -17.12 -36.69
N ASN A 233 -6.95 -17.17 -37.93
CA ASN A 233 -6.12 -17.00 -39.10
C ASN A 233 -6.35 -15.66 -39.80
N GLY A 234 -7.15 -14.78 -39.23
CA GLY A 234 -7.38 -13.49 -39.83
C GLY A 234 -6.22 -12.54 -39.55
N SER A 235 -6.45 -11.28 -39.89
CA SER A 235 -5.50 -10.22 -39.62
C SER A 235 -5.88 -9.48 -38.34
N LEU A 236 -4.99 -8.60 -37.90
CA LEU A 236 -5.25 -7.86 -36.67
C LEU A 236 -6.48 -6.97 -36.78
N LYS A 237 -6.83 -6.57 -38.01
CA LYS A 237 -8.00 -5.70 -38.17
C LYS A 237 -9.29 -6.48 -38.01
N SER A 238 -9.44 -7.59 -38.73
CA SER A 238 -10.66 -8.38 -38.65
C SER A 238 -10.96 -8.81 -37.21
N LEU A 239 -9.92 -9.18 -36.46
CA LEU A 239 -10.07 -9.45 -35.04
C LEU A 239 -10.62 -8.22 -34.32
N TYR A 240 -9.94 -7.08 -34.50
CA TYR A 240 -10.37 -5.83 -33.84
C TYR A 240 -11.85 -5.57 -34.14
N ARG A 241 -12.19 -5.55 -35.43
CA ARG A 241 -13.60 -5.22 -35.82
C ARG A 241 -14.55 -6.17 -35.10
N LYS A 242 -14.32 -7.48 -35.25
CA LYS A 242 -15.17 -8.48 -34.56
C LYS A 242 -15.19 -8.15 -33.07
N ALA A 243 -14.01 -7.92 -32.48
CA ALA A 243 -13.94 -7.67 -31.05
C ALA A 243 -14.78 -6.46 -30.65
N VAL A 244 -14.55 -5.32 -31.33
CA VAL A 244 -15.29 -4.11 -31.00
C VAL A 244 -16.80 -4.33 -31.18
N ASP A 245 -17.19 -5.11 -32.18
CA ASP A 245 -18.60 -5.42 -32.39
C ASP A 245 -19.14 -6.30 -31.26
N GLN A 246 -18.42 -7.37 -30.92
CA GLN A 246 -18.92 -8.32 -29.94
C GLN A 246 -19.07 -7.69 -28.56
N LEU A 247 -18.14 -6.82 -28.18
CA LEU A 247 -18.21 -6.16 -26.88
C LEU A 247 -19.22 -5.03 -26.81
N GLY A 248 -19.82 -4.65 -27.94
CA GLY A 248 -20.66 -3.48 -27.97
C GLY A 248 -19.91 -2.18 -27.78
N LEU A 249 -18.66 -2.12 -28.24
CA LEU A 249 -17.82 -0.93 -28.13
C LEU A 249 -17.87 -0.12 -29.42
N THR A 250 -17.25 1.07 -29.38
CA THR A 250 -17.21 1.93 -30.58
C THR A 250 -15.88 1.74 -31.32
N TYR A 251 -15.92 1.60 -32.64
CA TYR A 251 -14.69 1.39 -33.45
C TYR A 251 -13.82 2.65 -33.38
N ARG A 252 -12.50 2.47 -33.18
CA ARG A 252 -11.57 3.63 -33.17
C ARG A 252 -10.38 3.31 -34.08
N PRO A 253 -10.13 4.11 -35.14
CA PRO A 253 -9.04 3.80 -36.08
C PRO A 253 -7.66 3.85 -35.43
N GLN A 254 -7.36 4.96 -34.74
CA GLN A 254 -6.00 5.12 -34.14
C GLN A 254 -5.75 3.98 -33.14
N GLN A 255 -6.77 3.59 -32.37
CA GLN A 255 -6.62 2.47 -31.41
C GLN A 255 -6.14 1.23 -32.16
N LEU A 256 -6.91 0.77 -33.14
CA LEU A 256 -6.52 -0.46 -33.88
C LEU A 256 -5.18 -0.21 -34.56
N TYR A 257 -4.98 1.01 -35.07
CA TYR A 257 -3.66 1.34 -35.66
C TYR A 257 -2.61 1.10 -34.58
N LEU A 258 -2.80 1.71 -33.41
CA LEU A 258 -1.86 1.47 -32.29
C LEU A 258 -1.68 -0.04 -32.18
N ALA A 259 -2.79 -0.78 -32.23
CA ALA A 259 -2.64 -2.23 -32.04
C ALA A 259 -1.73 -2.86 -33.09
N GLU A 260 -1.90 -2.50 -34.37
CA GLU A 260 -1.04 -3.04 -35.41
C GLU A 260 0.40 -2.57 -35.24
N THR A 261 0.58 -1.36 -34.70
CA THR A 261 1.92 -0.87 -34.42
C THR A 261 2.67 -1.78 -33.45
N ILE A 262 2.00 -2.17 -32.37
CA ILE A 262 2.65 -2.94 -31.32
C ILE A 262 3.02 -4.33 -31.82
N LEU A 263 2.12 -4.96 -32.59
CA LEU A 263 2.42 -6.28 -33.14
C LEU A 263 3.63 -6.22 -34.08
N ASP A 264 3.64 -5.22 -34.96
CA ASP A 264 4.73 -5.09 -35.92
C ASP A 264 6.07 -4.94 -35.21
N GLN A 265 6.12 -4.13 -34.15
CA GLN A 265 7.37 -3.90 -33.43
C GLN A 265 7.84 -5.14 -32.69
N LEU A 266 6.92 -5.98 -32.22
CA LEU A 266 7.32 -7.21 -31.53
C LEU A 266 7.84 -8.26 -32.50
N MET A 267 7.05 -8.55 -33.52
CA MET A 267 7.43 -9.64 -34.46
C MET A 267 8.86 -9.39 -34.92
N HIS A 268 9.29 -8.12 -34.90
CA HIS A 268 10.64 -7.78 -35.43
C HIS A 268 11.60 -7.59 -34.25
N SER A 269 11.14 -7.87 -33.03
CA SER A 269 12.01 -7.65 -31.85
C SER A 269 12.55 -6.23 -31.90
N GLU A 270 11.69 -5.22 -31.73
CA GLU A 270 12.13 -3.81 -31.88
C GLU A 270 12.13 -3.08 -30.54
N LYS A 271 12.37 -1.76 -30.56
CA LYS A 271 12.40 -0.95 -29.35
C LYS A 271 11.76 0.42 -29.61
N ALA A 272 10.46 0.53 -29.38
CA ALA A 272 9.72 1.73 -29.72
C ALA A 272 9.47 2.61 -28.50
N MET A 273 8.92 3.80 -28.77
CA MET A 273 8.40 4.71 -27.75
C MET A 273 7.15 5.34 -28.33
N ILE A 274 6.03 5.20 -27.64
CA ILE A 274 4.71 5.53 -28.21
C ILE A 274 3.99 6.46 -27.23
N GLU A 275 4.09 7.77 -27.49
CA GLU A 275 3.28 8.72 -26.67
C GLU A 275 1.87 8.72 -27.26
N ALA A 276 0.89 8.17 -26.52
CA ALA A 276 -0.48 8.05 -27.07
C ALA A 276 -1.43 9.01 -26.36
N SER A 277 -1.43 8.99 -25.03
CA SER A 277 -2.38 9.82 -24.25
C SER A 277 -3.80 9.58 -24.78
N LEU A 278 -4.11 8.32 -25.12
CA LEU A 278 -5.46 7.97 -25.63
C LEU A 278 -6.41 7.74 -24.44
N GLY A 279 -7.57 7.14 -24.69
CA GLY A 279 -8.53 6.86 -23.61
C GLY A 279 -8.46 5.42 -23.15
N SER A 280 -9.62 4.80 -22.87
CA SER A 280 -9.64 3.40 -22.38
C SER A 280 -9.15 2.43 -23.46
N GLY A 281 -9.08 2.89 -24.71
CA GLY A 281 -8.69 2.00 -25.82
C GLY A 281 -7.34 1.34 -25.61
N LYS A 282 -6.38 2.05 -25.01
CA LYS A 282 -5.01 1.48 -24.86
C LYS A 282 -5.08 0.11 -24.18
N SER A 283 -5.99 -0.07 -23.23
CA SER A 283 -6.06 -1.35 -22.47
C SER A 283 -6.29 -2.48 -23.47
N LEU A 284 -7.40 -2.42 -24.21
CA LEU A 284 -7.73 -3.50 -25.17
C LEU A 284 -6.64 -3.56 -26.25
N ALA A 285 -6.11 -2.40 -26.64
CA ALA A 285 -5.03 -2.36 -27.64
C ALA A 285 -3.96 -3.39 -27.26
N TYR A 286 -3.32 -3.22 -26.10
CA TYR A 286 -2.25 -4.15 -25.76
C TYR A 286 -2.71 -5.60 -25.88
N LEU A 287 -3.86 -5.91 -25.30
CA LEU A 287 -4.36 -7.27 -25.25
C LEU A 287 -4.38 -7.91 -26.63
N LEU A 288 -4.99 -7.23 -27.60
CA LEU A 288 -5.08 -7.78 -28.95
C LEU A 288 -3.72 -7.82 -29.63
N ALA A 289 -2.90 -6.78 -29.41
CA ALA A 289 -1.55 -6.78 -29.96
C ALA A 289 -0.74 -7.95 -29.41
N ALA A 290 -0.85 -8.22 -28.11
CA ALA A 290 -0.13 -9.33 -27.51
C ALA A 290 -0.78 -10.67 -27.85
N LEU A 291 -2.12 -10.72 -27.85
CA LEU A 291 -2.82 -11.95 -28.24
C LEU A 291 -2.45 -12.37 -29.65
N MET A 292 -2.31 -11.40 -30.56
CA MET A 292 -1.94 -11.72 -31.93
C MET A 292 -0.51 -12.25 -32.00
N TYR A 293 0.42 -11.60 -31.28
CA TYR A 293 1.82 -11.98 -31.32
C TYR A 293 2.02 -13.45 -30.95
N ASN A 294 1.14 -14.01 -30.13
CA ASN A 294 1.28 -15.40 -29.74
C ASN A 294 0.71 -16.34 -30.80
N ILE A 295 -0.44 -16.00 -31.37
CA ILE A 295 -1.04 -16.85 -32.40
C ILE A 295 -0.10 -16.97 -33.59
N GLU A 296 0.59 -15.88 -33.93
CA GLU A 296 1.44 -15.90 -35.11
C GLU A 296 2.79 -16.56 -34.85
N THR A 297 3.38 -16.33 -33.66
CA THR A 297 4.72 -16.83 -33.38
C THR A 297 4.82 -17.76 -32.16
N GLY A 298 3.89 -17.68 -31.21
CA GLY A 298 3.99 -18.52 -30.04
C GLY A 298 4.93 -18.01 -28.96
N LYS A 299 5.19 -16.70 -28.98
CA LYS A 299 6.07 -16.09 -27.94
C LYS A 299 5.19 -15.49 -26.84
N HIS A 300 5.81 -14.91 -25.81
CA HIS A 300 5.02 -14.37 -24.66
C HIS A 300 5.30 -12.87 -24.52
N VAL A 301 4.35 -12.14 -23.91
CA VAL A 301 4.51 -10.67 -23.80
C VAL A 301 4.23 -10.22 -22.36
N MET A 302 5.24 -9.65 -21.68
CA MET A 302 5.03 -9.08 -20.36
C MET A 302 4.47 -7.68 -20.52
N ILE A 303 3.56 -7.31 -19.60
CA ILE A 303 2.94 -5.98 -19.60
C ILE A 303 3.18 -5.37 -18.22
N SER A 304 4.20 -4.53 -18.12
CA SER A 304 4.57 -3.88 -16.85
C SER A 304 3.76 -2.59 -16.72
N THR A 305 2.85 -2.56 -15.74
CA THR A 305 2.01 -1.40 -15.50
C THR A 305 2.55 -0.57 -14.36
N ASN A 306 1.90 0.57 -14.14
CA ASN A 306 2.26 1.50 -13.08
C ASN A 306 1.45 1.25 -11.81
N THR A 307 0.15 1.16 -11.93
CA THR A 307 -0.77 1.10 -10.81
C THR A 307 -1.57 -0.20 -10.83
N LYS A 308 -2.45 -0.35 -9.84
CA LYS A 308 -3.30 -1.53 -9.73
C LYS A 308 -4.58 -1.38 -10.52
N LEU A 309 -5.17 -0.18 -10.55
CA LEU A 309 -6.41 0.01 -11.30
C LEU A 309 -6.18 -0.17 -12.79
N LEU A 310 -4.99 0.20 -13.26
CA LEU A 310 -4.66 -0.08 -14.68
C LEU A 310 -4.48 -1.59 -14.84
N GLN A 311 -3.74 -2.21 -13.93
CA GLN A 311 -3.44 -3.66 -14.03
C GLN A 311 -4.74 -4.48 -13.90
N SER A 312 -5.71 -3.97 -13.14
CA SER A 312 -6.94 -4.74 -12.90
C SER A 312 -7.92 -4.57 -14.07
N GLN A 313 -8.19 -3.34 -14.48
CA GLN A 313 -9.20 -3.18 -15.55
C GLN A 313 -8.84 -4.13 -16.69
N LEU A 314 -7.54 -4.35 -16.92
CA LEU A 314 -7.11 -5.19 -18.06
C LEU A 314 -7.06 -6.67 -17.64
N LEU A 315 -7.09 -6.93 -16.33
CA LEU A 315 -6.95 -8.33 -15.87
C LEU A 315 -8.33 -8.94 -15.62
N GLU A 316 -9.24 -8.19 -15.01
CA GLU A 316 -10.52 -8.80 -14.68
C GLU A 316 -11.72 -8.08 -15.28
N LYS A 317 -11.52 -6.99 -16.02
CA LYS A 317 -12.61 -6.43 -16.81
C LYS A 317 -12.50 -6.80 -18.29
N ASP A 318 -11.33 -6.59 -18.90
CA ASP A 318 -11.16 -6.77 -20.34
C ASP A 318 -10.71 -8.17 -20.73
N ILE A 319 -10.49 -9.08 -19.78
CA ILE A 319 -10.16 -10.46 -20.13
C ILE A 319 -11.44 -11.28 -20.26
N PRO A 320 -12.36 -11.31 -19.28
CA PRO A 320 -13.59 -12.09 -19.50
C PRO A 320 -14.47 -11.49 -20.57
N ALA A 321 -14.33 -10.19 -20.83
CA ALA A 321 -14.99 -9.58 -21.99
C ALA A 321 -14.43 -10.13 -23.30
N MET A 322 -13.10 -10.20 -23.40
CA MET A 322 -12.47 -10.74 -24.60
C MET A 322 -12.74 -12.22 -24.77
N ASN A 323 -12.91 -12.93 -23.66
CA ASN A 323 -13.05 -14.41 -23.76
C ASN A 323 -14.48 -14.77 -24.15
N GLU A 324 -15.32 -13.78 -24.45
CA GLU A 324 -16.69 -14.10 -24.95
C GLU A 324 -16.64 -14.00 -26.47
N ALA A 325 -15.72 -13.18 -26.99
CA ALA A 325 -15.53 -13.06 -28.43
C ALA A 325 -15.30 -14.41 -29.09
N LEU A 326 -14.92 -15.42 -28.30
CA LEU A 326 -14.65 -16.77 -28.76
C LEU A 326 -14.38 -17.61 -27.51
N ASN A 327 -14.19 -18.92 -27.71
CA ASN A 327 -13.68 -19.80 -26.65
C ASN A 327 -12.18 -19.57 -26.51
N PHE A 328 -11.83 -18.36 -26.06
CA PHE A 328 -10.44 -17.94 -26.02
C PHE A 328 -9.75 -18.43 -24.74
N LYS A 329 -10.29 -18.04 -23.58
CA LYS A 329 -9.72 -18.55 -22.31
C LYS A 329 -8.22 -18.26 -22.30
N ILE A 330 -7.86 -17.02 -22.57
CA ILE A 330 -6.43 -16.63 -22.62
C ILE A 330 -5.84 -16.79 -21.21
N ASN A 331 -4.52 -16.65 -21.08
CA ASN A 331 -3.86 -16.85 -19.75
C ASN A 331 -3.14 -15.56 -19.35
N ALA A 332 -3.55 -14.92 -18.24
CA ALA A 332 -2.81 -13.74 -17.78
C ALA A 332 -2.40 -13.99 -16.32
N LEU A 333 -1.14 -13.74 -15.97
CA LEU A 333 -0.67 -14.04 -14.59
C LEU A 333 0.04 -12.82 -14.03
N LEU A 334 -0.30 -12.42 -12.80
CA LEU A 334 0.35 -11.26 -12.15
C LEU A 334 1.74 -11.71 -11.68
N ILE A 335 2.72 -11.66 -12.56
CA ILE A 335 4.09 -12.13 -12.22
C ILE A 335 4.79 -11.06 -11.39
N LYS A 336 4.99 -11.32 -10.09
CA LYS A 336 5.74 -10.35 -9.24
C LYS A 336 7.16 -10.88 -9.05
N SER A 337 7.90 -10.36 -8.08
CA SER A 337 9.32 -10.76 -7.90
C SER A 337 9.41 -12.11 -7.16
N LYS A 338 10.62 -12.58 -6.90
CA LYS A 338 10.80 -13.86 -6.23
C LYS A 338 10.58 -13.72 -4.72
N SER A 339 11.07 -12.63 -4.13
CA SER A 339 10.90 -12.43 -2.69
C SER A 339 9.42 -12.32 -2.30
N ASP A 340 8.60 -11.75 -3.18
CA ASP A 340 7.17 -11.56 -2.91
C ASP A 340 6.36 -12.83 -2.95
N TYR A 341 7.00 -13.99 -3.05
CA TYR A 341 6.23 -15.26 -2.98
C TYR A 341 6.66 -16.09 -1.76
N ILE A 342 5.81 -17.02 -1.32
CA ILE A 342 6.12 -17.83 -0.10
C ILE A 342 6.96 -19.04 -0.50
N SER A 343 7.86 -19.48 0.39
CA SER A 343 8.76 -20.61 0.09
C SER A 343 8.33 -21.84 0.89
N LEU A 344 7.22 -21.73 1.63
CA LEU A 344 6.78 -22.85 2.51
C LEU A 344 7.94 -23.21 3.45
N GLY A 345 8.87 -22.29 3.64
CA GLY A 345 9.96 -22.49 4.62
C GLY A 345 9.51 -21.87 5.93
N LEU A 346 8.24 -21.44 5.98
CA LEU A 346 7.67 -20.87 7.21
C LEU A 346 7.74 -21.91 8.32
N ILE A 347 8.04 -23.17 7.95
CA ILE A 347 8.22 -24.21 9.00
C ILE A 347 9.29 -23.69 9.97
N SER A 348 10.23 -22.89 9.46
CA SER A 348 11.29 -22.32 10.33
C SER A 348 10.65 -21.32 11.30
N GLN A 349 9.79 -20.45 10.79
CA GLN A 349 9.06 -19.52 11.70
C GLN A 349 8.25 -20.36 12.68
N ILE A 350 7.60 -21.41 12.18
CA ILE A 350 6.81 -22.31 13.07
C ILE A 350 7.75 -22.88 14.14
N LEU A 351 8.95 -23.28 13.75
CA LEU A 351 9.91 -23.89 14.71
C LEU A 351 10.39 -22.82 15.70
N LYS A 352 10.20 -21.54 15.36
CA LYS A 352 10.67 -20.43 16.24
C LYS A 352 9.71 -20.29 17.42
N ASP A 353 9.63 -21.31 18.27
CA ASP A 353 8.71 -21.29 19.44
C ASP A 353 9.11 -20.14 20.38
N ASP A 354 10.39 -19.76 20.35
CA ASP A 354 10.89 -18.65 21.22
C ASP A 354 10.07 -17.40 20.88
N THR A 355 9.58 -17.28 19.65
CA THR A 355 8.71 -16.13 19.30
C THR A 355 7.71 -15.91 20.42
N SER A 356 7.65 -14.69 20.96
CA SER A 356 6.68 -14.38 22.05
C SER A 356 6.06 -13.00 21.75
N ASN A 357 6.24 -12.50 20.53
CA ASN A 357 5.75 -11.13 20.18
C ASN A 357 4.23 -11.14 20.06
N TYR A 358 3.60 -12.32 20.15
CA TYR A 358 2.12 -12.42 20.10
C TYR A 358 1.65 -12.05 18.68
N GLU A 359 2.02 -10.87 18.21
CA GLU A 359 1.65 -10.45 16.83
C GLU A 359 2.16 -11.51 15.87
N VAL A 360 3.37 -12.03 16.11
CA VAL A 360 3.96 -13.08 15.23
C VAL A 360 3.14 -14.37 15.40
N ASN A 361 2.85 -14.75 16.65
CA ASN A 361 2.05 -15.97 16.90
C ASN A 361 0.78 -15.90 16.05
N ILE A 362 0.17 -14.72 15.93
CA ILE A 362 -1.01 -14.56 15.04
C ILE A 362 -0.57 -14.84 13.60
N LEU A 363 0.56 -14.26 13.18
CA LEU A 363 1.06 -14.48 11.80
C LEU A 363 1.26 -15.97 11.60
N LYS A 364 1.85 -16.63 12.59
CA LYS A 364 2.06 -18.10 12.50
C LYS A 364 0.70 -18.75 12.21
N MET A 365 -0.35 -18.28 12.89
CA MET A 365 -1.71 -18.86 12.71
C MET A 365 -2.29 -18.32 11.41
N GLN A 366 -1.97 -17.07 11.05
CA GLN A 366 -2.44 -16.53 9.78
C GLN A 366 -1.82 -17.29 8.61
N LEU A 367 -0.50 -17.50 8.64
CA LEU A 367 0.18 -18.18 7.54
C LEU A 367 -0.32 -19.61 7.38
N LEU A 368 -0.55 -20.31 8.50
CA LEU A 368 -1.05 -21.68 8.46
C LEU A 368 -2.37 -21.78 7.73
N ILE A 369 -3.21 -20.75 7.83
CA ILE A 369 -4.53 -20.76 7.19
C ILE A 369 -4.51 -20.10 5.83
N TRP A 370 -3.75 -19.02 5.68
CA TRP A 370 -3.57 -18.41 4.37
C TRP A 370 -3.01 -19.41 3.38
N ILE A 371 -2.14 -20.31 3.84
CA ILE A 371 -1.44 -21.21 2.93
C ILE A 371 -2.33 -22.33 2.39
N THR A 372 -3.47 -22.61 3.02
CA THR A 372 -4.44 -23.55 2.44
C THR A 372 -5.44 -22.85 1.52
N GLU A 373 -5.16 -21.61 1.11
CA GLU A 373 -6.10 -20.80 0.37
C GLU A 373 -5.48 -20.16 -0.86
N THR A 374 -4.35 -19.48 -0.69
CA THR A 374 -3.84 -18.59 -1.72
C THR A 374 -3.55 -19.35 -3.01
N PRO A 375 -4.14 -18.95 -4.14
CA PRO A 375 -3.79 -19.57 -5.42
C PRO A 375 -2.42 -19.14 -5.92
N SER A 376 -1.93 -18.01 -5.40
CA SER A 376 -0.66 -17.44 -5.92
C SER A 376 0.45 -17.53 -4.88
N GLY A 377 0.13 -17.29 -3.61
CA GLY A 377 1.19 -17.26 -2.59
C GLY A 377 1.83 -15.89 -2.55
N ASP A 378 1.19 -14.92 -3.20
CA ASP A 378 1.71 -13.53 -3.17
C ASP A 378 1.66 -13.04 -1.73
N ILE A 379 2.80 -12.63 -1.19
CA ILE A 379 2.86 -12.21 0.24
C ILE A 379 2.01 -10.96 0.42
N GLN A 380 2.12 -10.00 -0.50
CA GLN A 380 1.40 -8.74 -0.26
C GLN A 380 -0.10 -8.93 -0.20
N GLU A 381 -0.67 -9.87 -0.97
CA GLU A 381 -2.11 -10.13 -0.87
C GLU A 381 -2.51 -10.55 0.53
N LEU A 382 -1.56 -11.01 1.35
CA LEU A 382 -1.69 -11.03 2.80
C LEU A 382 -1.18 -9.68 3.30
N ASN A 383 -2.09 -8.69 3.33
CA ASN A 383 -1.72 -7.35 3.76
C ASN A 383 -1.02 -7.44 5.11
N LEU A 384 0.19 -6.88 5.17
CA LEU A 384 1.08 -7.06 6.32
C LEU A 384 1.54 -5.68 6.80
N LYS A 385 1.32 -5.41 8.08
CA LYS A 385 1.55 -4.08 8.62
C LYS A 385 2.27 -4.18 9.95
N GLY A 386 2.92 -3.07 10.35
CA GLY A 386 3.56 -2.94 11.65
C GLY A 386 4.64 -3.97 11.90
N GLY A 387 4.65 -4.51 13.13
CA GLY A 387 5.66 -5.49 13.51
C GLY A 387 5.64 -6.72 12.64
N GLN A 388 4.45 -7.33 12.48
CA GLN A 388 4.24 -8.51 11.64
C GLN A 388 5.03 -8.44 10.33
N LYS A 389 4.83 -7.37 9.57
CA LYS A 389 5.57 -7.20 8.32
C LYS A 389 7.06 -7.09 8.56
N MET A 390 7.46 -6.52 9.69
CA MET A 390 8.87 -6.27 9.96
C MET A 390 9.62 -7.56 10.28
N TYR A 391 9.02 -8.43 11.11
CA TYR A 391 9.62 -9.75 11.36
C TYR A 391 9.62 -10.60 10.10
N PHE A 392 8.50 -10.63 9.37
CA PHE A 392 8.40 -11.46 8.18
C PHE A 392 9.31 -10.95 7.07
N ASP A 393 9.47 -9.62 6.95
CA ASP A 393 10.48 -9.09 6.06
C ASP A 393 11.88 -9.40 6.55
N GLN A 394 12.05 -9.52 7.86
CA GLN A 394 13.38 -9.82 8.41
C GLN A 394 13.74 -11.28 8.22
N LYS A 395 12.80 -12.19 8.49
CA LYS A 395 13.08 -13.61 8.31
C LYS A 395 13.31 -13.92 6.84
N ILE A 396 12.53 -13.30 5.95
CA ILE A 396 12.65 -13.58 4.51
C ILE A 396 13.95 -13.03 3.94
N GLU A 397 14.55 -12.02 4.58
CA GLU A 397 15.78 -11.43 4.07
C GLU A 397 16.98 -12.31 4.33
N THR A 398 16.97 -13.06 5.43
CA THR A 398 18.07 -13.91 5.83
C THR A 398 17.76 -15.40 5.68
N TYR A 399 16.62 -15.73 5.08
CA TYR A 399 16.23 -17.13 4.91
C TYR A 399 17.28 -17.88 4.11
N VAL A 400 17.77 -18.99 4.68
CA VAL A 400 18.76 -19.83 3.96
C VAL A 400 17.98 -20.96 3.31
N PRO A 401 17.49 -20.82 2.06
CA PRO A 401 16.63 -21.84 1.46
C PRO A 401 17.22 -23.24 1.58
N ALA A 402 16.36 -24.26 1.49
CA ALA A 402 16.82 -25.65 1.59
C ALA A 402 16.95 -26.25 0.19
N ARG A 403 17.50 -27.46 0.10
CA ARG A 403 17.72 -28.08 -1.23
C ARG A 403 16.38 -28.30 -1.93
N HIS A 404 15.39 -28.81 -1.20
CA HIS A 404 14.10 -29.15 -1.85
C HIS A 404 12.96 -28.38 -1.19
N ASP A 405 13.01 -27.06 -1.24
CA ASP A 405 11.91 -26.24 -0.66
C ASP A 405 10.81 -26.04 -1.72
N VAL A 406 9.56 -26.28 -1.35
CA VAL A 406 8.44 -26.01 -2.29
C VAL A 406 8.19 -24.51 -2.28
N HIS A 407 8.73 -23.81 -3.27
CA HIS A 407 8.58 -22.33 -3.34
C HIS A 407 7.47 -22.01 -4.33
N TYR A 408 6.65 -21.03 -3.98
CA TYR A 408 5.54 -20.63 -4.85
C TYR A 408 6.00 -19.78 -6.02
N TYR A 409 7.23 -19.25 -5.97
CA TYR A 409 7.77 -18.54 -7.11
C TYR A 409 7.99 -19.47 -8.29
N ASN A 410 8.42 -20.70 -8.02
CA ASN A 410 8.71 -21.67 -9.08
C ASN A 410 7.48 -22.05 -9.87
N PHE A 411 6.27 -21.78 -9.36
CA PHE A 411 5.08 -21.90 -10.18
C PHE A 411 5.16 -21.00 -11.41
N ILE A 412 5.69 -19.79 -11.24
CA ILE A 412 5.86 -18.87 -12.38
C ILE A 412 6.85 -19.45 -13.39
N LYS A 413 7.98 -19.95 -12.88
CA LYS A 413 9.02 -20.51 -13.75
C LYS A 413 8.47 -21.64 -14.60
N ARG A 414 7.88 -22.65 -13.97
CA ARG A 414 7.41 -23.83 -14.69
C ARG A 414 6.09 -23.61 -15.42
N ASN A 415 5.58 -22.38 -15.52
CA ASN A 415 4.28 -22.16 -16.16
C ASN A 415 4.23 -20.91 -17.04
N ALA A 416 5.36 -20.32 -17.40
CA ALA A 416 5.36 -19.18 -18.32
C ALA A 416 5.77 -19.58 -19.73
N GLN A 417 5.74 -20.88 -20.03
CA GLN A 417 5.57 -21.31 -21.40
C GLN A 417 4.10 -21.29 -21.83
N ASN A 418 3.20 -20.92 -20.92
CA ASN A 418 1.77 -21.00 -21.15
C ASN A 418 0.97 -19.75 -20.78
N ILE A 419 1.61 -18.71 -20.25
CA ILE A 419 0.92 -17.45 -19.97
C ILE A 419 1.26 -16.50 -21.10
N GLN A 420 0.34 -16.35 -22.05
CA GLN A 420 0.54 -15.42 -23.15
C GLN A 420 0.63 -13.98 -22.65
N ILE A 421 -0.16 -13.65 -21.64
CA ILE A 421 -0.13 -12.32 -21.02
C ILE A 421 0.42 -12.50 -19.62
N GLY A 422 1.60 -11.93 -19.37
CA GLY A 422 2.11 -11.74 -18.03
C GLY A 422 2.10 -10.23 -17.74
N ILE A 423 1.65 -9.88 -16.53
CA ILE A 423 1.54 -8.45 -16.13
C ILE A 423 2.37 -8.25 -14.87
N THR A 424 3.08 -7.13 -14.78
CA THR A 424 3.94 -6.81 -13.65
C THR A 424 3.76 -5.35 -13.29
N ASN A 425 4.47 -4.93 -12.25
CA ASN A 425 4.61 -3.53 -11.86
C ASN A 425 6.04 -3.11 -12.14
N HIS A 426 6.22 -1.82 -12.49
CA HIS A 426 7.54 -1.33 -12.85
C HIS A 426 8.58 -1.59 -11.77
N ALA A 427 8.18 -1.52 -10.49
CA ALA A 427 9.10 -1.70 -9.37
C ALA A 427 9.66 -3.12 -9.29
N HIS A 428 8.90 -4.11 -9.73
CA HIS A 428 9.40 -5.48 -9.80
C HIS A 428 10.39 -5.66 -10.94
N LEU A 429 10.01 -5.16 -12.13
CA LEU A 429 10.84 -5.28 -13.32
C LEU A 429 12.28 -4.81 -13.09
N ILE A 430 12.48 -3.80 -12.25
CA ILE A 430 13.81 -3.21 -12.10
C ILE A 430 14.59 -3.78 -10.92
N HIS A 431 14.06 -4.83 -10.29
CA HIS A 431 14.81 -5.50 -9.19
C HIS A 431 16.01 -6.25 -9.77
N SER A 432 17.00 -6.57 -8.93
CA SER A 432 18.23 -7.25 -9.41
C SER A 432 17.91 -8.70 -9.79
N ASP A 433 18.78 -9.33 -10.60
CA ASP A 433 18.51 -10.71 -11.09
C ASP A 433 18.15 -11.60 -9.90
N VAL A 434 18.96 -11.59 -8.85
CA VAL A 434 18.70 -12.47 -7.68
C VAL A 434 17.32 -12.13 -7.11
N GLU A 435 17.02 -10.84 -6.97
CA GLU A 435 15.70 -10.41 -6.42
C GLU A 435 14.62 -10.74 -7.44
N ASN A 436 14.79 -10.32 -8.69
CA ASN A 436 13.75 -10.54 -9.74
C ASN A 436 14.40 -11.08 -11.02
N SER A 437 13.97 -12.26 -11.46
CA SER A 437 14.50 -12.84 -12.73
C SER A 437 13.32 -13.01 -13.70
N ILE A 438 12.86 -11.91 -14.30
CA ILE A 438 11.74 -11.97 -15.29
C ILE A 438 12.33 -11.87 -16.70
N TYR A 439 13.49 -11.22 -16.85
CA TYR A 439 14.16 -11.14 -18.17
C TYR A 439 14.43 -12.57 -18.65
N GLN A 440 14.72 -13.48 -17.71
CA GLN A 440 15.05 -14.88 -18.08
C GLN A 440 13.75 -15.66 -18.31
N LEU A 441 12.60 -15.04 -18.03
CA LEU A 441 11.31 -15.77 -18.15
C LEU A 441 10.46 -15.14 -19.27
N PHE A 442 10.55 -13.82 -19.44
CA PHE A 442 9.80 -13.14 -20.53
C PHE A 442 10.78 -12.33 -21.38
N ASP A 443 10.79 -12.55 -22.69
CA ASP A 443 11.69 -11.83 -23.57
C ASP A 443 11.12 -10.52 -24.09
N ASP A 444 9.81 -10.34 -24.06
CA ASP A 444 9.18 -9.19 -24.70
C ASP A 444 8.30 -8.47 -23.70
N CYS A 445 8.51 -7.16 -23.51
CA CYS A 445 7.75 -6.44 -22.47
C CYS A 445 7.30 -5.06 -22.97
N ILE A 446 6.13 -4.60 -22.53
CA ILE A 446 5.64 -3.25 -22.92
C ILE A 446 5.44 -2.42 -21.65
N VAL A 447 6.38 -1.51 -21.36
CA VAL A 447 6.30 -0.65 -20.15
C VAL A 447 5.21 0.40 -20.36
N ASP A 448 4.29 0.53 -19.42
CA ASP A 448 3.20 1.50 -19.55
C ASP A 448 3.36 2.61 -18.53
N GLU A 449 2.99 3.82 -18.93
CA GLU A 449 3.28 5.04 -18.16
C GLU A 449 4.76 5.06 -17.78
N ALA A 450 5.61 4.94 -18.80
CA ALA A 450 7.04 4.73 -18.62
C ALA A 450 7.79 5.98 -18.18
N HIS A 451 7.15 7.14 -18.19
CA HIS A 451 7.79 8.38 -17.72
C HIS A 451 8.02 8.36 -16.22
N ARG A 452 7.35 7.47 -15.49
CA ARG A 452 7.58 7.30 -14.06
C ARG A 452 8.63 6.24 -13.76
N LEU A 453 9.18 5.59 -14.79
CA LEU A 453 10.16 4.53 -14.55
C LEU A 453 11.44 5.05 -13.90
N PRO A 454 12.02 6.19 -14.30
CA PRO A 454 13.17 6.72 -13.54
C PRO A 454 12.84 7.07 -12.10
N ASP A 455 11.59 7.41 -11.79
CA ASP A 455 11.21 7.61 -10.40
C ASP A 455 11.20 6.31 -9.62
N TYR A 456 10.89 5.19 -10.28
CA TYR A 456 11.00 3.90 -9.62
C TYR A 456 12.45 3.44 -9.53
N ALA A 457 13.30 3.86 -10.46
CA ALA A 457 14.72 3.60 -10.32
C ALA A 457 15.28 4.26 -9.08
N LEU A 458 14.69 5.38 -8.65
CA LEU A 458 15.26 6.19 -7.58
C LEU A 458 15.13 5.51 -6.21
N ASN A 459 14.17 4.60 -6.05
CA ASN A 459 14.02 3.92 -4.76
C ASN A 459 14.75 2.59 -4.71
N GLN A 460 14.99 1.95 -5.85
CA GLN A 460 15.79 0.74 -5.94
C GLN A 460 17.28 1.02 -6.08
N VAL A 461 17.68 2.28 -5.95
CA VAL A 461 19.08 2.69 -6.11
C VAL A 461 19.73 3.10 -4.80
N THR A 462 18.95 3.25 -3.72
CA THR A 462 19.44 3.76 -2.45
C THR A 462 19.32 2.71 -1.34
N ASN A 463 20.29 2.70 -0.44
CA ASN A 463 20.22 1.78 0.74
C ASN A 463 19.93 2.66 1.96
N GLU A 464 19.45 2.08 3.06
CA GLU A 464 19.04 2.95 4.21
C GLU A 464 19.40 2.36 5.57
N LEU A 465 19.76 3.20 6.54
CA LEU A 465 19.99 2.71 7.93
C LEU A 465 18.83 3.21 8.78
N SER A 466 18.08 2.31 9.41
CA SER A 466 16.87 2.78 10.14
C SER A 466 17.03 2.62 11.65
N TYR A 467 16.86 3.70 12.42
CA TYR A 467 16.88 3.52 13.90
C TYR A 467 15.89 2.41 14.25
N ALA A 468 14.72 2.42 13.61
CA ALA A 468 13.66 1.44 13.92
C ALA A 468 14.16 0.01 13.66
N ASP A 469 14.73 -0.22 12.47
CA ASP A 469 15.17 -1.60 12.12
C ASP A 469 16.22 -2.05 13.13
N ILE A 470 17.22 -1.21 13.41
CA ILE A 470 18.31 -1.62 14.34
C ILE A 470 17.69 -1.91 15.70
N LYS A 471 16.74 -1.08 16.12
CA LYS A 471 16.09 -1.27 17.45
C LYS A 471 15.43 -2.66 17.49
N TYR A 472 14.72 -3.03 16.42
CA TYR A 472 14.04 -4.34 16.39
C TYR A 472 15.08 -5.45 16.45
N GLN A 473 16.16 -5.31 15.67
CA GLN A 473 17.19 -6.38 15.63
C GLN A 473 17.73 -6.60 17.05
N LEU A 474 18.24 -5.55 17.69
CA LEU A 474 18.74 -5.67 19.08
C LEU A 474 17.67 -6.37 19.91
N GLY A 475 16.42 -5.97 19.71
CA GLY A 475 15.30 -6.55 20.44
C GLY A 475 15.24 -8.07 20.32
N LEU A 476 15.66 -8.61 19.19
CA LEU A 476 15.60 -10.05 18.99
C LEU A 476 16.81 -10.78 19.55
N ILE A 477 17.66 -10.06 20.27
CA ILE A 477 18.85 -10.70 20.91
C ILE A 477 18.64 -10.59 22.43
N GLY A 478 18.09 -9.48 22.89
CA GLY A 478 17.82 -9.30 24.33
C GLY A 478 18.92 -8.52 25.01
N LYS A 479 18.63 -7.93 26.16
CA LYS A 479 19.66 -7.18 26.93
C LYS A 479 19.80 -7.81 28.33
N ASN A 480 18.91 -8.75 28.66
CA ASN A 480 18.97 -9.42 29.98
C ASN A 480 18.86 -10.94 29.79
N GLU A 481 19.02 -11.71 30.87
CA GLU A 481 18.95 -13.19 30.78
C GLU A 481 17.50 -13.63 30.69
N ASN A 482 16.58 -12.68 30.50
CA ASN A 482 15.14 -13.03 30.39
C ASN A 482 14.60 -12.56 29.04
N GLU A 483 15.45 -12.49 28.02
CA GLU A 483 14.97 -11.93 26.72
C GLU A 483 15.47 -12.75 25.52
N LYS A 484 14.58 -13.50 24.88
CA LYS A 484 14.91 -14.22 23.63
C LYS A 484 16.30 -14.85 23.63
N LEU A 485 17.11 -14.56 22.60
CA LEU A 485 18.43 -15.24 22.46
C LEU A 485 19.17 -15.27 23.81
N LEU A 486 19.39 -14.13 24.43
CA LEU A 486 20.20 -14.13 25.68
C LEU A 486 19.58 -15.15 26.65
N LYS A 487 18.25 -15.20 26.72
CA LYS A 487 17.57 -16.13 27.65
C LYS A 487 17.89 -17.58 27.26
N ALA A 488 17.95 -17.86 25.96
CA ALA A 488 18.25 -19.24 25.50
C ALA A 488 19.70 -19.57 25.84
N ILE A 489 20.63 -18.68 25.51
CA ILE A 489 22.06 -18.90 25.85
C ILE A 489 22.14 -19.26 27.34
N ASP A 490 21.30 -18.64 28.17
CA ASP A 490 21.29 -18.96 29.62
C ASP A 490 21.06 -20.46 29.78
N GLN A 491 20.00 -20.98 29.19
CA GLN A 491 19.68 -22.42 29.34
C GLN A 491 20.88 -23.23 28.84
N LEU A 492 21.51 -22.79 27.76
CA LEU A 492 22.67 -23.50 27.19
C LEU A 492 23.79 -23.54 28.23
N GLU A 493 24.21 -22.37 28.73
CA GLU A 493 25.28 -22.31 29.74
C GLU A 493 24.79 -23.05 30.99
N LYS A 494 23.55 -22.80 31.39
CA LYS A 494 22.97 -23.55 32.53
C LYS A 494 23.18 -25.03 32.25
N GLN A 495 22.81 -25.48 31.05
CA GLN A 495 22.91 -26.90 30.74
C GLN A 495 24.35 -27.37 30.62
N ARG A 496 25.30 -26.47 30.39
CA ARG A 496 26.70 -26.87 30.55
C ARG A 496 27.04 -27.09 32.01
N ILE A 497 26.61 -26.16 32.88
CA ILE A 497 26.91 -26.26 34.30
C ILE A 497 26.05 -27.31 34.96
N LEU A 498 24.82 -27.49 34.48
CA LEU A 498 23.90 -28.45 35.15
C LEU A 498 23.73 -29.73 34.34
N GLU A 499 23.14 -29.66 33.14
CA GLU A 499 22.86 -30.87 32.33
C GLU A 499 24.14 -31.41 31.67
N LYS A 500 25.26 -30.70 31.83
CA LYS A 500 26.57 -31.15 31.28
C LYS A 500 26.45 -31.39 29.77
N LEU A 501 26.27 -30.33 28.98
CA LEU A 501 26.27 -30.50 27.50
C LEU A 501 27.71 -30.31 27.02
N ASP A 502 28.04 -30.79 25.81
CA ASP A 502 29.46 -30.71 25.35
C ASP A 502 29.79 -29.31 24.85
N ILE A 503 28.94 -28.33 25.15
CA ILE A 503 29.17 -26.93 24.70
C ILE A 503 30.38 -26.36 25.45
N ALA A 504 31.11 -25.41 24.84
CA ALA A 504 32.31 -24.82 25.48
C ALA A 504 31.86 -23.73 26.44
N PRO A 505 32.75 -23.08 27.23
CA PRO A 505 32.26 -22.11 28.22
C PRO A 505 31.78 -20.84 27.54
N ILE A 506 30.61 -20.34 27.98
CA ILE A 506 30.05 -19.09 27.38
C ILE A 506 29.87 -18.05 28.49
N ASP A 507 30.55 -16.90 28.37
CA ASP A 507 30.40 -15.81 29.37
C ASP A 507 29.07 -15.10 29.13
N ILE A 508 27.96 -15.68 29.57
CA ILE A 508 26.62 -15.08 29.36
C ILE A 508 26.63 -13.68 29.96
N PHE A 509 27.22 -13.53 31.14
CA PHE A 509 27.27 -12.21 31.82
C PHE A 509 28.01 -11.22 30.93
N GLY A 510 29.15 -11.64 30.39
CA GLY A 510 29.92 -10.77 29.48
C GLY A 510 29.10 -10.40 28.26
N LEU A 511 28.46 -11.39 27.65
CA LEU A 511 27.64 -11.14 26.44
C LEU A 511 26.55 -10.12 26.79
N LYS A 512 25.87 -10.33 27.92
CA LYS A 512 24.79 -9.39 28.35
C LYS A 512 25.39 -7.99 28.44
N ALA A 513 26.51 -7.85 29.13
CA ALA A 513 27.18 -6.53 29.22
C ALA A 513 27.63 -6.13 27.81
N SER A 514 28.30 -7.03 27.10
CA SER A 514 28.71 -6.72 25.74
C SER A 514 27.53 -6.22 24.91
N MET A 515 26.36 -6.86 25.08
CA MET A 515 25.17 -6.46 24.33
C MET A 515 24.67 -5.09 24.77
N ASN A 516 24.81 -4.76 26.06
CA ASN A 516 24.40 -3.43 26.52
C ASN A 516 25.33 -2.35 26.02
N GLU A 517 26.63 -2.66 25.86
CA GLU A 517 27.56 -1.73 25.28
C GLU A 517 27.23 -1.45 23.81
N ILE A 518 26.70 -2.45 23.10
CA ILE A 518 26.23 -2.21 21.74
C ILE A 518 25.05 -1.25 21.76
N HIS A 519 24.12 -1.43 22.70
CA HIS A 519 22.94 -0.58 22.78
C HIS A 519 23.32 0.88 22.94
N GLU A 520 24.41 1.17 23.65
CA GLU A 520 24.78 2.56 23.87
C GLU A 520 25.56 3.15 22.71
N LEU A 521 26.38 2.35 22.03
CA LEU A 521 27.09 2.85 20.85
C LEU A 521 26.13 3.18 19.71
N ASN A 522 24.94 2.58 19.74
CA ASN A 522 23.93 2.88 18.68
C ASN A 522 23.29 4.23 18.99
N GLU A 523 22.77 4.38 20.21
CA GLU A 523 22.11 5.65 20.59
C GLU A 523 23.12 6.77 20.35
N GLN A 524 24.37 6.57 20.77
CA GLN A 524 25.39 7.62 20.64
C GLN A 524 25.44 8.06 19.17
N LEU A 525 25.31 7.12 18.24
CA LEU A 525 25.33 7.46 16.80
C LEU A 525 24.13 8.33 16.45
N PHE A 526 22.93 7.91 16.86
CA PHE A 526 21.72 8.66 16.46
C PHE A 526 21.64 10.01 17.18
N SER A 527 22.60 10.31 18.06
CA SER A 527 22.62 11.63 18.66
C SER A 527 23.47 12.60 17.84
N THR A 528 24.66 12.15 17.45
CA THR A 528 25.46 12.91 16.49
C THR A 528 24.67 13.18 15.22
N ILE A 529 23.92 12.18 14.74
CA ILE A 529 23.05 12.40 13.60
C ILE A 529 21.94 13.37 13.96
N PHE A 530 21.34 13.22 15.15
CA PHE A 530 20.12 13.96 15.45
C PHE A 530 20.37 15.45 15.60
N THR A 531 21.47 15.84 16.26
CA THR A 531 21.60 17.24 16.63
C THR A 531 21.81 18.13 15.42
N ILE A 532 22.56 17.67 14.41
CA ILE A 532 22.64 18.43 13.17
C ILE A 532 21.32 18.41 12.42
N ILE A 533 20.41 17.49 12.77
CA ILE A 533 19.06 17.54 12.21
C ILE A 533 18.22 18.60 12.90
N ASN A 534 18.30 18.67 14.23
CA ASN A 534 17.66 19.77 14.97
C ASN A 534 18.30 21.11 14.66
N ASP A 535 19.49 21.09 14.06
CA ASP A 535 20.23 22.33 13.73
C ASP A 535 20.08 22.58 12.23
N SER A 536 18.84 22.65 11.73
CA SER A 536 18.65 22.79 10.27
C SER A 536 17.26 23.35 9.96
N ASP A 537 16.93 23.48 8.67
CA ASP A 537 15.62 24.05 8.26
C ASP A 537 14.49 23.42 9.08
N VAL A 538 13.72 24.23 9.80
CA VAL A 538 12.54 23.70 10.55
C VAL A 538 11.28 24.09 9.77
N TYR A 539 10.51 23.11 9.28
CA TYR A 539 9.25 23.39 8.56
C TYR A 539 8.08 23.07 9.50
N ASP A 540 7.30 24.09 9.85
CA ASP A 540 6.14 23.89 10.78
C ASP A 540 4.87 23.66 9.95
N ASP A 541 4.45 22.39 9.84
CA ASP A 541 3.23 22.06 9.04
C ASP A 541 2.39 21.03 9.80
N ASP A 542 1.08 21.27 9.92
CA ASP A 542 0.17 20.33 10.60
C ASP A 542 0.43 18.91 10.09
N ILE A 543 0.55 18.72 8.78
CA ILE A 543 0.91 17.36 8.27
C ILE A 543 2.37 17.10 8.65
N HIS A 544 2.62 16.05 9.42
CA HIS A 544 4.02 15.69 9.77
C HIS A 544 4.80 15.67 8.45
N ARG A 545 5.91 16.40 8.38
CA ARG A 545 6.65 16.51 7.10
C ARG A 545 7.96 15.72 7.19
N PHE A 546 8.47 15.26 6.04
CA PHE A 546 9.77 14.54 6.04
C PHE A 546 10.87 15.59 5.87
N HIS A 547 11.42 16.07 6.99
CA HIS A 547 12.45 17.14 6.92
C HIS A 547 13.76 16.53 6.43
N ASN A 548 13.80 16.17 5.15
CA ASN A 548 15.03 15.53 4.58
C ASN A 548 16.15 16.57 4.57
N VAL A 549 17.15 16.40 5.44
CA VAL A 549 18.28 17.36 5.51
C VAL A 549 19.39 16.88 4.59
N PHE A 550 20.08 17.78 3.87
CA PHE A 550 21.06 17.29 2.87
C PHE A 550 22.49 17.78 3.14
N THR A 551 22.64 18.80 3.99
CA THR A 551 24.00 19.36 4.23
C THR A 551 24.56 18.81 5.55
N PHE A 552 25.64 18.03 5.47
CA PHE A 552 26.28 17.48 6.71
C PHE A 552 27.66 16.89 6.40
N GLU A 553 28.54 16.86 7.39
CA GLU A 553 29.86 16.20 7.22
C GLU A 553 29.68 14.73 7.59
N THR A 554 30.57 13.84 7.14
CA THR A 554 30.36 12.42 7.38
C THR A 554 31.52 11.78 8.13
N LYS A 555 32.23 12.55 8.95
CA LYS A 555 33.39 12.05 9.69
C LYS A 555 33.01 11.51 11.05
N ASP A 556 32.19 12.25 11.80
CA ASP A 556 31.79 11.79 13.12
C ASP A 556 30.86 10.59 13.03
N ILE A 557 29.98 10.57 12.03
CA ILE A 557 29.13 9.40 11.81
C ILE A 557 29.97 8.19 11.39
N LEU A 558 30.98 8.43 10.55
CA LEU A 558 31.90 7.36 10.17
C LEU A 558 32.75 6.88 11.35
N LYS A 559 32.95 7.70 12.37
CA LYS A 559 33.71 7.26 13.54
C LYS A 559 32.84 6.49 14.51
N ASP A 560 31.53 6.78 14.54
CA ASP A 560 30.61 6.00 15.36
C ASP A 560 30.26 4.67 14.70
N LEU A 561 30.34 4.58 13.37
CA LEU A 561 30.15 3.29 12.70
C LEU A 561 31.34 2.37 12.91
N HIS A 562 32.55 2.92 12.81
CA HIS A 562 33.74 2.12 13.07
C HIS A 562 33.77 1.63 14.51
N ALA A 563 33.24 2.42 15.44
CA ALA A 563 33.16 1.98 16.83
C ALA A 563 32.17 0.85 17.00
N ILE A 564 30.97 1.00 16.42
CA ILE A 564 29.91 0.01 16.62
C ILE A 564 30.21 -1.27 15.83
N ILE A 565 30.92 -1.17 14.71
CA ILE A 565 31.24 -2.35 13.94
C ILE A 565 32.31 -3.19 14.64
N ASP A 566 33.31 -2.52 15.21
CA ASP A 566 34.40 -3.24 15.85
C ASP A 566 33.94 -3.99 17.08
N LYS A 567 32.98 -3.42 17.82
CA LYS A 567 32.49 -4.11 19.01
C LYS A 567 31.59 -5.28 18.64
N LEU A 568 30.86 -5.17 17.53
CA LEU A 568 30.06 -6.30 17.05
C LEU A 568 30.94 -7.50 16.71
N ASN A 569 32.04 -7.25 16.00
CA ASN A 569 32.98 -8.33 15.69
C ASN A 569 33.60 -8.90 16.96
N LYS A 570 33.86 -8.06 17.96
CA LYS A 570 34.40 -8.55 19.22
C LYS A 570 33.40 -9.43 19.94
N THR A 571 32.12 -9.02 19.98
CA THR A 571 31.09 -9.86 20.57
C THR A 571 30.92 -11.16 19.79
N LEU A 572 31.18 -11.12 18.49
CA LEU A 572 31.13 -12.33 17.69
C LEU A 572 32.29 -13.27 18.03
N GLU A 573 33.48 -12.71 18.29
CA GLU A 573 34.65 -13.55 18.54
C GLU A 573 34.55 -14.31 19.85
N ILE A 574 33.66 -13.90 20.76
CA ILE A 574 33.37 -14.74 21.92
C ILE A 574 32.90 -16.11 21.46
N PHE A 575 32.33 -16.19 20.26
CA PHE A 575 31.78 -17.40 19.70
C PHE A 575 32.48 -17.68 18.37
N ASN A 576 33.43 -18.60 18.37
CA ASN A 576 34.06 -19.10 17.16
C ASN A 576 33.76 -20.57 16.90
N GLY A 577 33.76 -21.38 17.94
CA GLY A 577 33.33 -22.76 17.82
C GLY A 577 31.82 -22.84 17.94
N ILE A 578 31.14 -22.45 16.87
CA ILE A 578 29.69 -22.25 16.87
C ILE A 578 28.98 -23.43 16.22
N SER A 579 28.92 -24.56 16.93
CA SER A 579 28.28 -25.77 16.43
C SER A 579 26.84 -25.92 16.88
N HIS A 580 26.42 -25.19 17.91
CA HIS A 580 25.07 -25.28 18.46
C HIS A 580 24.14 -24.36 17.68
N LYS A 581 22.89 -24.81 17.51
CA LYS A 581 21.91 -24.03 16.75
C LYS A 581 21.71 -22.64 17.36
N THR A 582 21.42 -22.59 18.66
CA THR A 582 21.12 -21.32 19.33
C THR A 582 22.25 -20.33 19.16
N VAL A 583 23.49 -20.75 19.47
CA VAL A 583 24.63 -19.86 19.29
C VAL A 583 24.91 -19.62 17.82
N LYS A 584 24.49 -20.51 16.92
CA LYS A 584 24.62 -20.25 15.50
C LYS A 584 23.68 -19.13 15.07
N SER A 585 22.39 -19.28 15.36
CA SER A 585 21.42 -18.23 15.06
C SER A 585 21.79 -16.90 15.72
N LEU A 586 22.38 -16.96 16.92
CA LEU A 586 22.81 -15.74 17.58
C LEU A 586 23.89 -15.05 16.77
N ARG A 587 24.86 -15.82 16.27
CA ARG A 587 25.92 -15.22 15.46
C ARG A 587 25.38 -14.69 14.15
N LYS A 588 24.57 -15.50 13.46
CA LYS A 588 23.91 -15.04 12.23
C LYS A 588 23.19 -13.71 12.45
N GLN A 589 22.55 -13.55 13.60
CA GLN A 589 21.87 -12.30 13.91
C GLN A 589 22.88 -11.16 14.09
N LEU A 590 23.80 -11.32 15.05
CA LEU A 590 24.82 -10.30 15.29
C LEU A 590 25.60 -9.99 14.01
N LEU A 591 25.81 -11.00 13.17
CA LEU A 591 26.55 -10.80 11.93
C LEU A 591 25.76 -9.97 10.94
N TYR A 592 24.47 -10.27 10.79
CA TYR A 592 23.64 -9.49 9.88
C TYR A 592 23.57 -8.02 10.31
N LEU A 593 23.49 -7.78 11.62
CA LEU A 593 23.54 -6.41 12.12
C LEU A 593 24.85 -5.74 11.72
N LYS A 594 25.96 -6.47 11.82
CA LYS A 594 27.25 -5.91 11.43
C LYS A 594 27.28 -5.54 9.95
N ASP A 595 26.56 -6.27 9.11
CA ASP A 595 26.59 -5.98 7.68
C ASP A 595 25.75 -4.75 7.32
N LYS A 596 24.63 -4.55 8.02
CA LYS A 596 23.85 -3.33 7.81
C LYS A 596 24.71 -2.10 8.05
N PHE A 597 25.42 -2.05 9.18
CA PHE A 597 26.32 -0.94 9.46
C PHE A 597 27.53 -0.96 8.52
N LYS A 598 28.09 -2.14 8.27
CA LYS A 598 29.27 -2.24 7.43
C LYS A 598 29.01 -1.73 6.02
N ASN A 599 27.80 -2.00 5.50
CA ASN A 599 27.48 -1.57 4.14
C ASN A 599 27.37 -0.05 4.04
N ILE A 600 26.70 0.58 5.00
CA ILE A 600 26.60 2.04 5.00
C ILE A 600 27.98 2.67 5.21
N GLU A 601 28.78 2.10 6.11
CA GLU A 601 30.14 2.60 6.31
C GLU A 601 30.97 2.45 5.05
N GLN A 602 30.82 1.31 4.36
CA GLN A 602 31.46 1.11 3.07
C GLN A 602 30.94 2.06 1.99
N SER A 603 29.68 2.52 2.11
CA SER A 603 29.17 3.50 1.17
C SER A 603 29.57 4.92 1.53
N LEU A 604 29.88 5.17 2.81
CA LEU A 604 30.24 6.51 3.24
C LEU A 604 31.75 6.72 3.27
N LYS A 605 32.50 5.66 3.55
CA LYS A 605 33.95 5.74 3.47
C LYS A 605 34.40 6.13 2.06
N ALA A 606 33.69 5.63 1.05
CA ALA A 606 34.04 5.89 -0.34
C ALA A 606 33.66 7.29 -0.79
N GLY A 607 32.57 7.84 -0.26
CA GLY A 607 32.10 9.15 -0.66
C GLY A 607 30.87 9.15 -1.53
N HIS A 608 30.14 8.04 -1.63
CA HIS A 608 28.88 8.00 -2.36
C HIS A 608 27.96 9.13 -1.90
N THR A 609 27.18 9.66 -2.83
CA THR A 609 26.25 10.73 -2.50
C THR A 609 25.30 10.28 -1.40
N SER A 610 25.25 11.04 -0.30
CA SER A 610 24.66 10.59 0.95
C SER A 610 23.77 11.68 1.54
N PHE A 611 22.71 11.26 2.24
CA PHE A 611 21.82 12.22 2.87
C PHE A 611 21.06 11.58 4.03
N ILE A 612 20.58 12.43 4.92
CA ILE A 612 19.89 12.01 6.14
C ILE A 612 18.39 12.21 5.94
N SER A 613 17.61 11.53 6.78
CA SER A 613 16.18 11.73 6.81
C SER A 613 15.68 11.60 8.24
N ILE A 614 14.46 12.11 8.47
CA ILE A 614 13.81 12.02 9.76
C ILE A 614 12.32 12.18 9.54
N LYS A 615 11.52 11.70 10.48
CA LYS A 615 10.08 11.75 10.36
C LYS A 615 9.39 12.71 11.32
N ASN A 616 9.93 12.90 12.53
CA ASN A 616 9.42 13.88 13.49
C ASN A 616 10.60 14.57 14.16
N LEU A 617 10.50 15.90 14.27
CA LEU A 617 11.56 16.67 14.89
C LEU A 617 11.73 16.29 16.35
N SER A 618 10.62 16.02 17.04
CA SER A 618 10.69 15.64 18.46
C SER A 618 11.10 14.18 18.63
N GLN A 619 10.58 13.30 17.78
CA GLN A 619 10.87 11.86 17.88
C GLN A 619 12.20 11.58 17.18
N LYS A 620 13.27 11.55 17.97
CA LYS A 620 14.55 11.07 17.46
C LYS A 620 14.53 9.58 17.15
N SER A 621 13.39 8.91 17.29
CA SER A 621 13.27 7.47 17.09
C SER A 621 12.89 7.08 15.68
N THR A 622 12.99 8.01 14.72
CA THR A 622 12.63 7.73 13.34
C THR A 622 13.71 8.20 12.35
N ILE A 623 14.87 8.62 12.85
CA ILE A 623 15.99 8.96 11.97
C ILE A 623 16.28 7.83 11.01
N ARG A 624 16.51 8.19 9.75
CA ARG A 624 17.03 7.26 8.75
C ARG A 624 18.12 7.96 7.96
N LEU A 625 19.24 7.27 7.76
CA LEU A 625 20.34 7.76 6.93
C LEU A 625 20.37 6.95 5.65
N TYR A 626 20.42 7.64 4.51
CA TYR A 626 20.39 7.03 3.19
C TYR A 626 21.71 7.25 2.46
N VAL A 627 22.02 6.35 1.54
CA VAL A 627 23.19 6.46 0.67
C VAL A 627 22.78 6.02 -0.73
N LYS A 628 23.50 6.54 -1.73
CA LYS A 628 23.24 6.25 -3.14
C LYS A 628 24.26 5.23 -3.61
N ASP A 629 23.89 3.94 -3.57
CA ASP A 629 24.80 2.85 -3.85
C ASP A 629 24.94 2.54 -5.34
N TYR A 630 23.98 2.93 -6.16
CA TYR A 630 24.04 2.66 -7.59
C TYR A 630 23.79 3.93 -8.37
N ALA A 631 23.57 3.83 -9.68
CA ALA A 631 23.17 4.96 -10.50
C ALA A 631 21.91 4.60 -11.28
N VAL A 632 20.97 5.55 -11.34
CA VAL A 632 19.66 5.29 -12.00
C VAL A 632 19.90 4.98 -13.48
N LYS A 633 20.68 5.82 -14.16
CA LYS A 633 20.98 5.59 -15.59
C LYS A 633 21.50 4.16 -15.74
N ASP A 634 22.32 3.71 -14.79
CA ASP A 634 22.80 2.33 -14.87
C ASP A 634 21.69 1.33 -14.60
N VAL A 635 20.84 1.62 -13.61
CA VAL A 635 19.81 0.66 -13.22
C VAL A 635 18.80 0.46 -14.35
N LEU A 636 18.41 1.54 -15.02
CA LEU A 636 17.46 1.44 -16.12
C LEU A 636 18.03 0.59 -17.25
N THR A 637 19.20 0.96 -17.75
CA THR A 637 19.77 0.29 -18.92
C THR A 637 19.98 -1.20 -18.67
N LYS A 638 20.66 -1.55 -17.58
CA LYS A 638 21.10 -2.93 -17.39
C LYS A 638 19.93 -3.84 -17.02
N GLN A 639 19.14 -3.41 -16.05
CA GLN A 639 18.02 -4.27 -15.58
C GLN A 639 16.90 -4.27 -16.61
N VAL A 640 16.93 -3.36 -17.59
CA VAL A 640 15.78 -3.28 -18.54
C VAL A 640 16.28 -3.23 -19.99
N LEU A 641 16.91 -2.13 -20.41
CA LEU A 641 17.30 -1.97 -21.83
C LEU A 641 18.16 -3.16 -22.28
N GLU A 642 19.30 -3.39 -21.62
CA GLU A 642 20.24 -4.45 -22.07
C GLU A 642 19.62 -5.85 -21.89
N LYS A 643 18.72 -6.02 -20.92
CA LYS A 643 18.19 -7.39 -20.65
C LYS A 643 16.82 -7.58 -21.28
N PHE A 644 16.53 -6.88 -22.40
CA PHE A 644 15.25 -7.11 -23.11
C PHE A 644 15.47 -7.00 -24.62
N LYS A 645 15.00 -8.00 -25.38
CA LYS A 645 15.19 -8.00 -26.85
C LYS A 645 14.12 -7.09 -27.47
N SER A 646 12.84 -7.35 -27.20
CA SER A 646 11.79 -6.43 -27.71
C SER A 646 11.20 -5.64 -26.54
N LEU A 647 11.55 -4.35 -26.45
CA LEU A 647 11.08 -3.50 -25.31
C LEU A 647 10.29 -2.33 -25.87
N ILE A 648 8.96 -2.37 -25.75
CA ILE A 648 8.11 -1.29 -26.33
C ILE A 648 7.71 -0.32 -25.22
N PHE A 649 8.13 0.95 -25.33
CA PHE A 649 7.79 1.96 -24.33
C PHE A 649 6.54 2.70 -24.80
N ILE A 650 5.56 2.87 -23.92
CA ILE A 650 4.30 3.56 -24.28
C ILE A 650 3.78 4.35 -23.07
N SER A 651 3.36 5.59 -23.29
CA SER A 651 2.86 6.44 -22.18
C SER A 651 2.09 7.64 -22.74
N GLY A 652 1.25 8.27 -21.91
CA GLY A 652 0.52 9.48 -22.34
C GLY A 652 1.48 10.64 -22.53
N THR A 653 2.55 10.68 -21.72
CA THR A 653 3.56 11.77 -21.85
C THR A 653 4.96 11.17 -22.00
N LEU A 654 5.50 11.16 -23.22
CA LEU A 654 6.87 10.63 -23.47
C LEU A 654 7.64 11.63 -24.36
N LYS A 655 6.97 12.67 -24.87
CA LYS A 655 7.63 13.60 -25.82
C LYS A 655 7.96 14.92 -25.14
N PHE A 656 9.22 15.38 -25.24
CA PHE A 656 9.60 16.71 -24.69
C PHE A 656 10.22 17.52 -25.82
N ASN A 657 9.83 18.79 -25.97
CA ASN A 657 10.33 19.57 -27.12
C ASN A 657 10.20 18.68 -28.35
N HIS A 658 9.12 17.90 -28.42
CA HIS A 658 8.88 17.02 -29.56
C HIS A 658 10.03 16.05 -29.80
N SER A 659 10.94 15.92 -28.84
CA SER A 659 12.14 15.11 -28.99
C SER A 659 12.21 14.11 -27.84
N PHE A 660 12.26 12.83 -28.19
CA PHE A 660 12.43 11.79 -27.18
C PHE A 660 13.87 11.74 -26.66
N GLU A 661 14.72 12.66 -27.10
CA GLU A 661 16.10 12.72 -26.63
C GLU A 661 16.16 12.96 -25.12
N ALA A 662 15.20 13.73 -24.60
CA ALA A 662 15.19 14.05 -23.16
C ALA A 662 14.77 12.80 -22.37
N PHE A 663 14.60 11.67 -23.05
CA PHE A 663 14.20 10.41 -22.38
C PHE A 663 15.25 9.34 -22.71
N LYS A 664 15.84 9.43 -23.90
CA LYS A 664 16.84 8.41 -24.31
C LYS A 664 18.21 8.75 -23.72
N GLN A 665 18.38 9.97 -23.21
CA GLN A 665 19.73 10.37 -22.73
C GLN A 665 20.18 9.42 -21.61
N LEU A 666 19.27 9.05 -20.71
CA LEU A 666 19.65 8.18 -19.57
C LEU A 666 20.11 6.83 -20.13
N PHE A 667 19.56 6.41 -21.27
CA PHE A 667 20.02 5.16 -21.90
C PHE A 667 21.35 5.46 -22.60
N ASN A 668 22.46 5.26 -21.88
CA ASN A 668 23.80 5.58 -22.46
C ASN A 668 24.02 4.76 -23.73
N LYS A 669 24.89 5.22 -24.62
CA LYS A 669 25.15 4.53 -25.92
C LYS A 669 23.95 4.77 -26.84
N ASP A 670 22.79 5.12 -26.25
CA ASP A 670 21.60 5.46 -27.07
C ASP A 670 21.48 4.49 -28.24
N VAL A 671 21.42 3.18 -27.95
CA VAL A 671 21.24 2.18 -29.04
C VAL A 671 20.01 2.59 -29.86
N HIS A 672 20.03 2.35 -31.17
CA HIS A 672 18.92 2.82 -32.03
C HIS A 672 17.57 2.59 -31.34
N PHE A 673 16.77 3.64 -31.22
CA PHE A 673 15.43 3.53 -30.62
C PHE A 673 14.38 3.95 -31.64
N ASN A 674 13.65 2.99 -32.21
CA ASN A 674 12.55 3.35 -33.15
C ASN A 674 11.60 4.31 -32.43
N THR A 675 11.13 5.34 -33.14
CA THR A 675 10.21 6.33 -32.51
C THR A 675 8.80 6.13 -33.07
N PHE A 676 7.80 6.70 -32.41
CA PHE A 676 6.40 6.58 -32.86
C PHE A 676 5.60 7.61 -32.05
N GLU A 677 4.35 7.86 -32.45
CA GLU A 677 3.41 8.74 -31.74
C GLU A 677 2.03 8.59 -32.34
N VAL A 678 0.97 8.99 -31.64
CA VAL A 678 -0.41 8.79 -32.14
C VAL A 678 -1.32 9.70 -31.32
N GLN A 683 -9.60 16.20 -32.52
CA GLN A 683 -10.99 16.41 -32.04
C GLN A 683 -10.94 17.08 -30.66
N SER A 684 -10.53 16.33 -29.64
CA SER A 684 -10.44 16.89 -28.27
C SER A 684 -9.57 18.14 -28.30
N ALA A 685 -8.48 18.10 -29.08
CA ALA A 685 -7.54 19.24 -29.14
C ALA A 685 -8.31 20.54 -29.35
N LYS A 686 -9.20 20.58 -30.34
CA LYS A 686 -9.93 21.84 -30.65
C LYS A 686 -11.19 21.93 -29.79
N ASN A 687 -11.65 20.79 -29.24
CA ASN A 687 -12.82 20.80 -28.34
C ASN A 687 -12.39 21.39 -27.00
N THR A 688 -11.10 21.70 -26.87
CA THR A 688 -10.56 22.24 -25.59
C THR A 688 -10.18 23.71 -25.76
N SER A 689 -10.13 24.47 -24.66
CA SER A 689 -9.75 25.90 -24.71
C SER A 689 -8.93 26.27 -23.47
N VAL A 690 -7.82 26.97 -23.67
CA VAL A 690 -6.94 27.35 -22.57
C VAL A 690 -7.14 28.83 -22.27
N PHE A 691 -6.96 29.20 -21.00
CA PHE A 691 -7.07 30.59 -20.58
C PHE A 691 -5.92 30.90 -19.64
N ILE A 692 -5.13 31.90 -19.98
CA ILE A 692 -4.03 32.36 -19.14
C ILE A 692 -4.42 33.71 -18.55
N PRO A 693 -4.91 33.75 -17.31
CA PRO A 693 -5.35 35.03 -16.73
C PRO A 693 -4.21 36.03 -16.63
N SER A 694 -4.51 37.29 -16.95
CA SER A 694 -3.47 38.35 -16.92
C SER A 694 -3.55 39.10 -15.59
N ASP A 695 -4.75 39.23 -15.04
CA ASP A 695 -4.94 39.95 -13.76
C ASP A 695 -4.09 39.27 -12.68
N VAL A 696 -3.88 37.96 -12.79
CA VAL A 696 -3.15 37.22 -11.74
C VAL A 696 -1.76 37.83 -11.56
N ALA A 697 -1.38 38.14 -10.32
CA ALA A 697 -0.01 38.64 -10.08
C ALA A 697 0.93 37.45 -10.11
N SER A 698 2.24 37.69 -10.01
CA SER A 698 3.19 36.59 -10.12
C SER A 698 3.22 35.78 -8.82
N TYR A 699 3.73 34.56 -8.91
CA TYR A 699 3.85 33.72 -7.73
C TYR A 699 4.91 34.29 -6.81
N GLN A 700 4.49 34.68 -5.60
CA GLN A 700 5.46 35.17 -4.59
C GLN A 700 5.08 34.54 -3.24
N TYR A 701 5.76 33.44 -2.86
CA TYR A 701 5.38 32.73 -1.61
C TYR A 701 5.43 33.72 -0.44
N LYS A 702 6.41 34.63 -0.44
CA LYS A 702 6.49 35.67 0.61
C LYS A 702 5.07 36.22 0.89
N ASN A 703 4.23 36.26 -0.14
CA ASN A 703 2.88 36.79 0.00
C ASN A 703 1.92 35.87 -0.76
N ILE A 704 1.66 34.69 -0.20
CA ILE A 704 0.86 33.66 -0.89
C ILE A 704 -0.64 33.91 -0.79
N ASP A 705 -1.07 34.97 -0.12
CA ASP A 705 -2.50 35.13 0.18
C ASP A 705 -3.27 35.76 -0.97
N GLU A 706 -2.71 36.78 -1.62
CA GLU A 706 -3.43 37.35 -2.75
C GLU A 706 -3.36 36.49 -4.00
N TYR A 707 -2.52 35.46 -4.00
CA TYR A 707 -2.49 34.51 -5.11
C TYR A 707 -3.65 33.52 -5.00
N VAL A 708 -3.78 32.86 -3.84
CA VAL A 708 -4.93 32.02 -3.57
C VAL A 708 -6.22 32.83 -3.61
N ALA A 709 -6.15 34.14 -3.34
CA ALA A 709 -7.34 34.98 -3.46
C ALA A 709 -7.77 35.13 -4.91
N SER A 710 -6.82 35.32 -5.82
CA SER A 710 -7.15 35.36 -7.24
C SER A 710 -7.61 33.99 -7.75
N ILE A 711 -7.22 32.91 -7.08
CA ILE A 711 -7.68 31.59 -7.48
C ILE A 711 -9.13 31.38 -7.08
N VAL A 712 -9.47 31.72 -5.83
CA VAL A 712 -10.86 31.59 -5.38
C VAL A 712 -11.77 32.55 -6.15
N SER A 713 -11.23 33.71 -6.55
CA SER A 713 -12.01 34.64 -7.36
C SER A 713 -12.42 34.01 -8.69
N TYR A 714 -11.53 33.26 -9.33
CA TYR A 714 -11.90 32.59 -10.57
C TYR A 714 -12.80 31.40 -10.31
N ILE A 715 -12.45 30.58 -9.31
CA ILE A 715 -13.36 29.53 -8.85
C ILE A 715 -14.74 30.10 -8.56
N ILE A 716 -14.79 31.29 -7.95
CA ILE A 716 -16.07 31.99 -7.77
C ILE A 716 -16.69 32.29 -9.13
N GLU A 717 -15.89 32.86 -10.04
CA GLU A 717 -16.43 33.26 -11.34
C GLU A 717 -16.97 32.07 -12.11
N TYR A 718 -16.20 30.99 -12.19
CA TYR A 718 -16.65 29.80 -12.91
C TYR A 718 -17.89 29.20 -12.27
N THR A 719 -17.81 28.92 -10.96
CA THR A 719 -18.87 28.18 -10.28
C THR A 719 -20.22 28.88 -10.38
N THR A 720 -20.23 30.21 -10.49
CA THR A 720 -21.47 30.96 -10.59
C THR A 720 -21.98 31.10 -12.03
N ILE A 721 -21.11 30.96 -13.02
CA ILE A 721 -21.55 31.07 -14.40
C ILE A 721 -22.10 29.75 -14.91
N THR A 722 -21.47 28.65 -14.48
CA THR A 722 -21.91 27.30 -14.91
C THR A 722 -21.47 26.28 -13.85
N SER A 723 -22.42 25.56 -13.27
CA SER A 723 -22.08 24.70 -12.10
C SER A 723 -21.56 23.31 -12.46
N SER A 724 -20.81 23.18 -13.56
CA SER A 724 -20.23 21.84 -13.82
C SER A 724 -19.08 21.58 -12.85
N LYS A 725 -18.63 20.32 -12.72
CA LYS A 725 -17.58 19.97 -11.73
C LYS A 725 -16.26 20.68 -12.08
N CYS A 726 -15.36 20.83 -11.11
CA CYS A 726 -14.07 21.52 -11.34
C CYS A 726 -12.91 20.69 -10.78
N LEU A 727 -11.67 21.13 -11.03
CA LEU A 727 -10.48 20.43 -10.58
C LEU A 727 -9.33 21.43 -10.58
N VAL A 728 -8.79 21.72 -9.40
CA VAL A 728 -7.70 22.67 -9.26
C VAL A 728 -6.47 21.88 -8.83
N LEU A 729 -5.65 21.50 -9.80
CA LEU A 729 -4.40 20.84 -9.47
C LEU A 729 -3.52 21.78 -8.66
N PHE A 730 -3.17 21.37 -7.44
CA PHE A 730 -2.30 22.14 -6.58
C PHE A 730 -0.99 21.36 -6.37
N THR A 731 0.11 22.09 -6.24
CA THR A 731 1.42 21.49 -5.97
C THR A 731 1.86 21.72 -4.54
N SER A 732 1.07 22.42 -3.74
CA SER A 732 1.51 22.84 -2.42
C SER A 732 0.49 22.42 -1.35
N TYR A 733 1.00 22.13 -0.17
CA TYR A 733 0.06 21.84 0.93
C TYR A 733 -0.49 23.17 1.41
N LYS A 734 0.41 24.12 1.74
CA LYS A 734 -0.08 25.37 2.29
C LYS A 734 -1.17 25.98 1.40
N MET A 735 -0.94 25.98 0.10
CA MET A 735 -1.87 26.65 -0.82
C MET A 735 -3.17 25.90 -0.96
N MET A 736 -3.12 24.56 -0.98
CA MET A 736 -4.34 23.77 -1.13
C MET A 736 -5.29 23.94 0.05
N HIS A 737 -4.75 23.95 1.26
CA HIS A 737 -5.60 24.17 2.43
C HIS A 737 -6.06 25.62 2.53
N MET A 738 -5.29 26.55 1.97
CA MET A 738 -5.67 27.95 2.04
C MET A 738 -6.91 28.22 1.19
N VAL A 739 -7.00 27.60 0.01
CA VAL A 739 -8.18 27.78 -0.82
C VAL A 739 -9.33 26.90 -0.34
N GLN A 740 -9.02 25.73 0.23
CA GLN A 740 -10.10 24.86 0.70
C GLN A 740 -10.82 25.46 1.89
N ASP A 741 -10.12 26.19 2.75
CA ASP A 741 -10.79 26.89 3.84
C ASP A 741 -11.46 28.16 3.33
N MET A 742 -10.82 28.85 2.39
CA MET A 742 -11.42 30.06 1.84
C MET A 742 -12.66 29.74 1.01
N LEU A 743 -12.77 28.51 0.48
CA LEU A 743 -13.98 28.09 -0.22
C LEU A 743 -15.11 27.84 0.75
N ASN A 744 -14.83 27.06 1.80
CA ASN A 744 -15.84 26.70 2.79
C ASN A 744 -16.40 27.90 3.54
N GLU A 745 -15.72 29.05 3.50
CA GLU A 745 -16.18 30.21 4.26
C GLU A 745 -17.21 31.02 3.49
N LEU A 746 -16.91 31.30 2.22
CA LEU A 746 -17.83 32.08 1.40
C LEU A 746 -19.13 31.31 1.17
N PRO A 747 -20.26 32.02 1.09
CA PRO A 747 -21.55 31.33 0.91
C PRO A 747 -21.86 30.96 -0.53
N GLU A 748 -21.07 31.42 -1.50
CA GLU A 748 -21.33 31.05 -2.89
C GLU A 748 -21.16 29.55 -3.10
N PHE A 749 -20.26 28.92 -2.35
CA PHE A 749 -20.07 27.48 -2.41
C PHE A 749 -20.93 26.73 -1.40
N GLU A 750 -22.01 27.35 -0.93
CA GLU A 750 -23.08 26.60 -0.31
C GLU A 750 -23.82 25.83 -1.40
N ASP A 751 -24.18 24.58 -1.10
CA ASP A 751 -24.60 23.56 -2.07
C ASP A 751 -23.41 23.02 -2.85
N TYR A 752 -22.20 23.41 -2.48
CA TYR A 752 -20.97 22.91 -3.09
C TYR A 752 -20.13 22.24 -2.02
N VAL A 753 -19.68 21.02 -2.28
CA VAL A 753 -18.87 20.26 -1.33
C VAL A 753 -17.44 20.19 -1.87
N VAL A 754 -16.50 20.71 -1.08
CA VAL A 754 -15.09 20.74 -1.45
C VAL A 754 -14.41 19.52 -0.84
N LEU A 755 -13.42 18.98 -1.57
CA LEU A 755 -12.71 17.77 -1.11
C LEU A 755 -11.19 18.03 -1.11
N THR A 756 -10.52 17.76 0.01
CA THR A 756 -9.06 17.99 0.11
C THR A 756 -8.32 16.75 -0.34
N GLN A 757 -7.01 16.67 -0.05
CA GLN A 757 -6.20 15.49 -0.44
C GLN A 757 -5.89 14.67 0.82
N GLN A 758 -6.56 13.52 0.97
CA GLN A 758 -6.30 12.64 2.14
C GLN A 758 -5.82 11.27 1.61
N GLN A 759 -4.71 10.76 2.14
CA GLN A 759 -4.14 9.49 1.64
C GLN A 759 -5.10 8.34 1.99
N ASN A 760 -5.57 8.30 3.24
CA ASN A 760 -6.47 7.19 3.67
C ASN A 760 -7.67 7.15 2.72
N GLN A 761 -7.91 5.99 2.09
CA GLN A 761 -9.09 5.83 1.20
C GLN A 761 -9.20 7.06 0.30
N ASN A 762 -8.11 7.45 -0.35
CA ASN A 762 -8.12 8.63 -1.26
C ASN A 762 -9.16 8.40 -2.35
N TYR A 763 -9.28 7.17 -2.83
CA TYR A 763 -10.24 6.85 -3.93
C TYR A 763 -11.65 7.28 -3.53
N LYS A 764 -11.95 7.24 -2.22
CA LYS A 764 -13.33 7.57 -1.76
C LYS A 764 -13.69 8.99 -2.25
N ILE A 765 -12.75 9.93 -2.12
CA ILE A 765 -13.05 11.34 -2.52
C ILE A 765 -13.61 11.33 -3.95
N VAL A 766 -13.02 10.52 -4.83
CA VAL A 766 -13.48 10.49 -6.26
C VAL A 766 -14.92 9.95 -6.29
N GLN A 767 -15.18 8.90 -5.52
CA GLN A 767 -16.53 8.29 -5.50
C GLN A 767 -17.56 9.39 -5.16
N GLN A 768 -17.33 10.09 -4.05
CA GLN A 768 -18.28 11.16 -3.62
C GLN A 768 -18.34 12.23 -4.70
N PHE A 769 -17.21 12.54 -5.33
CA PHE A 769 -17.17 13.61 -6.36
C PHE A 769 -18.15 13.28 -7.49
N ASN A 770 -18.17 12.02 -7.93
CA ASN A 770 -19.12 11.60 -9.00
C ASN A 770 -20.52 11.48 -8.41
N ASN A 771 -20.62 11.14 -7.12
CA ASN A 771 -21.95 10.94 -6.47
C ASN A 771 -22.84 12.17 -6.70
N PHE A 772 -22.25 13.29 -7.11
CA PHE A 772 -23.06 14.48 -7.39
C PHE A 772 -22.71 15.01 -8.78
N ASP A 773 -23.66 15.74 -9.38
CA ASP A 773 -23.54 16.13 -10.78
C ASP A 773 -22.97 17.53 -10.96
N LYS A 774 -23.13 18.42 -9.98
CA LYS A 774 -22.71 19.82 -10.21
C LYS A 774 -22.37 20.54 -8.90
N ALA A 775 -22.14 19.78 -7.83
CA ALA A 775 -21.90 20.42 -6.52
C ALA A 775 -20.54 20.04 -5.97
N ILE A 776 -19.56 19.76 -6.86
CA ILE A 776 -18.27 19.24 -6.35
C ILE A 776 -17.06 19.97 -6.97
N LEU A 777 -15.94 20.00 -6.26
CA LEU A 777 -14.68 20.63 -6.74
C LEU A 777 -13.59 20.14 -5.77
N LEU A 778 -12.31 20.16 -6.15
CA LEU A 778 -11.34 19.57 -5.23
C LEU A 778 -9.92 20.02 -5.55
N GLY A 779 -9.18 20.38 -4.49
CA GLY A 779 -7.77 20.65 -4.61
C GLY A 779 -6.96 19.43 -4.21
N THR A 780 -5.78 19.31 -4.81
CA THR A 780 -5.00 18.08 -4.73
C THR A 780 -3.53 18.41 -4.92
N SER A 781 -2.68 17.40 -4.77
CA SER A 781 -1.25 17.61 -5.01
C SER A 781 -0.60 16.39 -5.65
N THR A 782 0.18 16.67 -6.71
CA THR A 782 0.88 15.69 -7.56
C THR A 782 0.08 14.39 -7.74
N PHE A 783 -1.16 14.56 -8.15
CA PHE A 783 -2.09 13.46 -8.34
C PHE A 783 -2.67 13.50 -9.75
N PHE A 784 -2.03 14.28 -10.61
CA PHE A 784 -2.53 14.58 -11.95
C PHE A 784 -2.77 13.30 -12.74
N GLU A 785 -1.80 12.39 -12.74
CA GLU A 785 -1.77 11.31 -13.72
C GLU A 785 -2.96 10.36 -13.55
N GLY A 786 -3.18 9.88 -12.34
CA GLY A 786 -4.13 8.80 -12.13
C GLY A 786 -5.56 9.20 -12.45
N PHE A 787 -5.91 10.45 -12.21
CA PHE A 787 -7.31 10.85 -12.16
C PHE A 787 -7.95 10.89 -13.55
N ASP A 788 -9.16 10.38 -13.63
CA ASP A 788 -10.04 10.52 -14.77
C ASP A 788 -11.29 11.25 -14.31
N PHE A 789 -12.05 11.79 -15.26
CA PHE A 789 -13.08 12.75 -14.90
C PHE A 789 -14.22 12.77 -15.91
N GLN A 790 -15.45 12.78 -15.41
CA GLN A 790 -16.66 12.72 -16.24
C GLN A 790 -17.79 13.45 -15.54
N ALA A 791 -18.61 14.16 -16.32
CA ALA A 791 -19.76 14.89 -15.81
C ALA A 791 -20.63 15.35 -16.97
N ASN A 792 -21.71 16.05 -16.65
CA ASN A 792 -22.59 16.65 -17.65
C ASN A 792 -22.33 18.14 -17.73
N GLY A 793 -22.10 18.63 -18.94
CA GLY A 793 -21.84 20.05 -19.14
C GLY A 793 -20.38 20.38 -19.40
N ILE A 794 -19.93 21.51 -18.86
CA ILE A 794 -18.59 22.03 -19.13
C ILE A 794 -17.58 21.33 -18.22
N LYS A 795 -16.29 21.49 -18.52
CA LYS A 795 -15.21 20.79 -17.84
C LYS A 795 -14.07 21.77 -17.63
N CYS A 796 -13.64 21.95 -16.38
CA CYS A 796 -12.59 22.91 -16.04
C CYS A 796 -11.46 22.25 -15.26
N VAL A 797 -10.23 22.67 -15.56
CA VAL A 797 -9.05 22.28 -14.80
C VAL A 797 -8.21 23.52 -14.59
N MET A 798 -7.86 23.80 -13.34
CA MET A 798 -7.04 24.95 -12.97
C MET A 798 -5.74 24.45 -12.37
N ILE A 799 -4.64 24.73 -13.03
CA ILE A 799 -3.31 24.41 -12.49
C ILE A 799 -2.82 25.62 -11.71
N ALA A 800 -2.54 25.41 -10.42
CA ALA A 800 -2.05 26.53 -9.57
C ALA A 800 -0.81 27.14 -10.19
N LYS A 801 0.26 26.34 -10.31
CA LYS A 801 1.54 26.82 -10.88
C LYS A 801 2.30 25.72 -11.62
N LEU A 802 3.34 26.08 -12.38
CA LEU A 802 4.13 25.08 -13.14
C LEU A 802 4.68 24.10 -12.09
N PRO A 803 4.46 22.79 -12.23
CA PRO A 803 4.91 21.78 -11.23
C PRO A 803 6.42 21.52 -11.25
N PHE A 804 7.17 22.50 -10.75
CA PHE A 804 8.60 22.34 -10.57
C PHE A 804 8.90 21.66 -9.23
N MET A 805 10.09 21.04 -9.15
CA MET A 805 10.51 20.39 -7.88
C MET A 805 11.65 21.23 -7.27
N ASN A 806 11.50 21.64 -6.01
CA ASN A 806 12.52 22.53 -5.39
C ASN A 806 13.89 21.85 -5.40
N LYS A 807 14.95 22.62 -5.11
CA LYS A 807 16.29 22.01 -5.01
C LYS A 807 16.37 21.24 -3.69
N HIS A 808 15.31 21.30 -2.89
CA HIS A 808 15.28 20.56 -1.60
C HIS A 808 14.55 19.23 -1.81
N ASN A 809 14.14 18.94 -3.05
CA ASN A 809 13.46 17.65 -3.34
C ASN A 809 14.53 16.55 -3.40
N ALA A 810 14.34 15.49 -2.62
CA ALA A 810 15.30 14.36 -2.61
C ALA A 810 15.37 13.77 -4.01
N LYS A 811 14.23 13.67 -4.69
CA LYS A 811 14.27 13.17 -6.09
C LYS A 811 15.36 13.96 -6.80
N TYR A 812 15.41 15.27 -6.56
CA TYR A 812 16.49 16.09 -7.13
C TYR A 812 17.78 15.76 -6.40
N TRP A 813 17.69 15.56 -5.08
CA TRP A 813 18.92 15.34 -4.32
C TRP A 813 19.67 14.13 -4.83
N LEU A 814 18.96 13.04 -5.15
CA LEU A 814 19.62 11.83 -5.59
C LEU A 814 20.04 11.88 -7.06
N MET A 815 19.43 12.77 -7.84
CA MET A 815 19.68 12.83 -9.28
C MET A 815 20.69 13.89 -9.69
N ASP A 816 21.01 14.85 -8.82
CA ASP A 816 21.85 15.97 -9.21
C ASP A 816 23.24 15.50 -9.64
N SER A 817 23.82 14.55 -8.89
CA SER A 817 25.12 14.01 -9.25
C SER A 817 25.12 13.30 -10.60
N GLU A 818 23.95 12.92 -11.09
CA GLU A 818 23.84 12.08 -12.28
C GLU A 818 23.56 12.87 -13.56
N PHE A 819 23.30 14.18 -13.47
CA PHE A 819 23.09 15.01 -14.64
C PHE A 819 24.08 16.16 -14.66
N THR A 820 24.55 16.53 -15.86
CA THR A 820 25.36 17.73 -16.01
C THR A 820 24.57 18.97 -15.62
N SER A 821 23.49 19.25 -16.33
CA SER A 821 22.58 20.34 -15.99
C SER A 821 21.32 19.71 -15.41
N THR A 822 21.32 19.53 -14.08
CA THR A 822 20.20 18.90 -13.40
C THR A 822 18.88 19.62 -13.66
N PHE A 823 18.92 20.88 -14.09
CA PHE A 823 17.67 21.57 -14.41
C PHE A 823 17.22 21.33 -15.84
N LYS A 824 18.11 21.54 -16.80
CA LYS A 824 17.72 21.37 -18.20
C LYS A 824 17.39 19.92 -18.51
N GLU A 825 18.16 18.98 -17.96
CA GLU A 825 18.01 17.58 -18.32
C GLU A 825 16.96 16.84 -17.50
N TYR A 826 16.58 17.35 -16.32
CA TYR A 826 15.68 16.58 -15.46
C TYR A 826 14.46 17.34 -14.95
N VAL A 827 14.63 18.28 -14.03
CA VAL A 827 13.47 18.87 -13.36
C VAL A 827 12.58 19.65 -14.34
N LEU A 828 13.13 20.13 -15.46
CA LEU A 828 12.28 20.82 -16.43
C LEU A 828 11.46 19.82 -17.25
N PRO A 829 12.06 18.78 -17.84
CA PRO A 829 11.23 17.76 -18.52
C PRO A 829 10.23 17.08 -17.58
N ASP A 830 10.53 16.99 -16.29
CA ASP A 830 9.57 16.42 -15.36
C ASP A 830 8.42 17.39 -15.10
N ALA A 831 8.74 18.67 -14.87
CA ALA A 831 7.71 19.68 -14.70
C ALA A 831 6.74 19.70 -15.88
N VAL A 832 7.27 19.65 -17.10
CA VAL A 832 6.43 19.71 -18.29
C VAL A 832 5.53 18.48 -18.37
N THR A 833 6.13 17.28 -18.23
CA THR A 833 5.34 16.05 -18.37
C THR A 833 4.25 15.96 -17.32
N ARG A 834 4.55 16.38 -16.09
CA ARG A 834 3.53 16.43 -15.04
C ARG A 834 2.46 17.47 -15.38
N PHE A 835 2.91 18.68 -15.78
CA PHE A 835 1.98 19.71 -16.23
C PHE A 835 1.08 19.19 -17.34
N ARG A 836 1.66 18.55 -18.34
CA ARG A 836 0.87 18.05 -19.47
C ARG A 836 0.18 16.73 -19.17
N GLN A 837 0.17 16.28 -17.92
CA GLN A 837 -0.68 15.17 -17.53
C GLN A 837 -1.96 15.62 -16.85
N GLY A 838 -1.98 16.82 -16.27
CA GLY A 838 -3.25 17.42 -15.91
C GLY A 838 -4.05 17.80 -17.15
N LEU A 839 -3.35 18.35 -18.13
CA LEU A 839 -4.02 18.74 -19.40
C LEU A 839 -4.56 17.48 -20.07
N GLY A 840 -3.70 16.49 -20.32
CA GLY A 840 -4.13 15.28 -21.04
C GLY A 840 -5.42 14.76 -20.45
N ARG A 841 -5.54 14.75 -19.12
CA ARG A 841 -6.75 14.20 -18.45
C ARG A 841 -7.99 15.05 -18.77
N LEU A 842 -7.86 16.38 -18.83
CA LEU A 842 -9.05 17.26 -19.02
C LEU A 842 -9.75 16.95 -20.36
N ILE A 843 -9.02 16.99 -21.46
CA ILE A 843 -9.63 16.82 -22.82
C ILE A 843 -10.43 15.52 -22.88
N ARG A 844 -11.64 15.57 -23.47
CA ARG A 844 -12.49 14.36 -23.60
C ARG A 844 -13.32 14.46 -24.89
N ASP A 848 -18.05 15.65 -24.90
CA ASP A 848 -18.15 16.87 -24.10
C ASP A 848 -16.96 17.80 -24.36
N ARG A 849 -17.10 19.07 -23.97
CA ARG A 849 -16.06 20.08 -24.16
C ARG A 849 -15.58 20.59 -22.81
N GLY A 850 -14.38 21.18 -22.81
CA GLY A 850 -13.80 21.63 -21.56
C GLY A 850 -12.82 22.77 -21.75
N ILE A 851 -12.39 23.36 -20.63
CA ILE A 851 -11.43 24.45 -20.63
C ILE A 851 -10.35 24.18 -19.57
N ILE A 852 -9.26 24.94 -19.65
CA ILE A 852 -8.15 24.88 -18.70
C ILE A 852 -7.74 26.30 -18.33
N VAL A 853 -7.26 26.47 -17.10
CA VAL A 853 -6.85 27.77 -16.58
C VAL A 853 -5.49 27.63 -15.91
N SER A 854 -4.48 28.32 -16.44
CA SER A 854 -3.10 28.29 -15.94
C SER A 854 -2.78 29.64 -15.29
N PHE A 855 -2.72 29.65 -13.95
CA PHE A 855 -2.52 30.91 -13.22
C PHE A 855 -1.07 31.40 -13.27
N ASP A 856 -0.10 30.53 -13.49
CA ASP A 856 1.31 30.93 -13.37
C ASP A 856 1.74 31.73 -14.61
N ASP A 857 2.26 32.93 -14.38
CA ASP A 857 2.69 33.82 -15.46
C ASP A 857 4.10 33.53 -15.95
N ARG A 858 4.83 32.59 -15.32
CA ARG A 858 6.07 32.13 -15.90
C ARG A 858 5.84 31.56 -17.30
N LEU A 859 4.62 31.05 -17.54
CA LEU A 859 4.28 30.48 -18.84
C LEU A 859 4.34 31.51 -19.96
N ILE A 860 4.37 32.80 -19.64
CA ILE A 860 4.31 33.85 -20.65
C ILE A 860 5.53 34.76 -20.64
N ASN A 861 6.09 35.01 -19.46
CA ASN A 861 7.23 35.98 -19.36
C ASN A 861 8.49 35.30 -18.83
N SER A 862 8.70 34.02 -19.17
CA SER A 862 9.96 33.33 -18.74
C SER A 862 10.73 32.85 -19.97
N ASN A 863 12.04 32.65 -19.83
CA ASN A 863 12.89 32.25 -20.98
C ASN A 863 12.52 30.84 -21.45
N TYR A 864 12.00 30.00 -20.54
CA TYR A 864 11.71 28.58 -20.90
C TYR A 864 10.24 28.44 -21.27
N LYS A 865 9.49 29.53 -21.24
CA LYS A 865 8.03 29.46 -21.52
C LYS A 865 7.81 28.61 -22.79
N ASN A 866 8.81 28.55 -23.68
CA ASN A 866 8.62 27.85 -24.95
C ASN A 866 8.28 26.38 -24.73
N PHE A 867 8.99 25.72 -23.81
CA PHE A 867 8.75 24.31 -23.56
C PHE A 867 7.38 24.06 -22.95
N PHE A 868 6.82 25.06 -22.25
CA PHE A 868 5.50 24.90 -21.66
C PHE A 868 4.38 25.14 -22.66
N GLU A 869 4.51 26.19 -23.48
CA GLU A 869 3.50 26.45 -24.50
C GLU A 869 3.54 25.43 -25.63
N GLN A 870 4.58 24.59 -25.69
CA GLN A 870 4.59 23.50 -26.67
C GLN A 870 3.53 22.46 -26.36
N THR A 871 3.18 22.27 -25.09
CA THR A 871 2.13 21.34 -24.70
C THR A 871 0.73 21.88 -24.96
N LEU A 872 0.60 23.06 -25.57
CA LEU A 872 -0.68 23.68 -25.84
C LEU A 872 -0.89 23.98 -27.32
N GLU A 873 -0.05 23.40 -28.19
CA GLU A 873 -0.07 23.76 -29.60
C GLU A 873 -1.37 23.37 -30.27
N ASN A 874 -2.06 22.35 -29.77
CA ASN A 874 -3.29 21.88 -30.36
C ASN A 874 -4.53 22.50 -29.71
N TYR A 875 -4.36 23.41 -28.75
CA TYR A 875 -5.47 24.06 -28.07
C TYR A 875 -5.64 25.49 -28.57
N ARG A 876 -6.57 26.21 -27.94
CA ARG A 876 -6.81 27.63 -28.30
C ARG A 876 -6.56 28.49 -27.05
N GLN A 877 -5.40 29.16 -26.98
CA GLN A 877 -5.04 29.95 -25.78
C GLN A 877 -5.71 31.32 -25.84
N LYS A 878 -5.90 31.96 -24.68
CA LYS A 878 -6.50 33.32 -24.61
C LYS A 878 -6.12 33.96 -23.28
N LYS A 879 -6.04 35.29 -23.24
CA LYS A 879 -5.63 36.01 -21.99
C LYS A 879 -6.56 37.21 -21.75
N GLY A 880 -6.75 37.59 -20.48
CA GLY A 880 -7.57 38.78 -20.18
C GLY A 880 -8.09 38.82 -18.76
N ASP A 881 -9.04 39.72 -18.46
CA ASP A 881 -9.62 39.84 -17.13
C ASP A 881 -10.42 38.60 -16.74
N ILE A 882 -10.98 38.60 -15.54
CA ILE A 882 -12.04 37.67 -15.22
C ILE A 882 -13.30 37.99 -15.99
N GLN A 883 -13.30 39.12 -16.72
CA GLN A 883 -14.41 39.50 -17.56
C GLN A 883 -14.40 38.73 -18.87
N GLN A 884 -13.25 38.66 -19.54
CA GLN A 884 -13.15 37.81 -20.73
C GLN A 884 -13.35 36.35 -20.37
N PHE A 885 -12.97 35.96 -19.15
CA PHE A 885 -13.23 34.60 -18.67
C PHE A 885 -14.73 34.34 -18.56
N GLY A 886 -15.48 35.34 -18.07
CA GLY A 886 -16.92 35.17 -17.97
C GLY A 886 -17.60 35.02 -19.32
N LYS A 887 -17.31 35.95 -20.24
CA LYS A 887 -17.89 35.87 -21.58
C LYS A 887 -17.55 34.55 -22.24
N LEU A 888 -16.29 34.14 -22.19
CA LEU A 888 -15.88 32.84 -22.72
C LEU A 888 -16.66 31.71 -22.06
N LEU A 889 -16.79 31.76 -20.73
CA LEU A 889 -17.55 30.74 -20.02
C LEU A 889 -18.98 30.64 -20.53
N ARG A 890 -19.54 31.78 -20.94
CA ARG A 890 -20.89 31.76 -21.55
C ARG A 890 -20.76 31.33 -23.01
N GLN A 891 -19.67 31.74 -23.68
CA GLN A 891 -19.48 31.42 -25.11
C GLN A 891 -19.47 29.90 -25.30
N ILE A 892 -18.79 29.17 -24.41
CA ILE A 892 -18.68 27.69 -24.59
C ILE A 892 -20.09 27.09 -24.57
N GLN A 893 -20.93 27.52 -23.63
CA GLN A 893 -22.29 26.95 -23.51
C GLN A 893 -23.01 27.12 -24.85
N LYS A 894 -22.89 28.31 -25.45
CA LYS A 894 -23.52 28.56 -26.77
C LYS A 894 -23.05 27.50 -27.77
#